data_8IUL
#
_entry.id   8IUL
#
loop_
_entity.id
_entity.type
_entity.pdbx_description
1 polymer 'G subunit alpha (q)'
2 polymer 'Guanine nucleotide-binding protein G(I)/G(S)/G(T) subunit beta-1'
3 polymer 'Antibody fragment scFv16'
4 polymer 'Guanine nucleotide-binding protein G(I)/G(S)/G(O) subunit gamma-2'
5 polymer 'Prostaglandin F2-alpha receptor'
6 non-polymer 'Z-7-[(1R,2R,3R,5S)-3,5-bis(oxidanyl)-2-[(3R)-3-oxidanyl-5-phenyl-pentyl]cyclopentyl]hept-5-enoic acid'
#
loop_
_entity_poly.entity_id
_entity_poly.type
_entity_poly.pdbx_seq_one_letter_code
_entity_poly.pdbx_strand_id
1 'polypeptide(L)'
;MGCTLSAEDKAAVERSKMIEKQLQKDKQVYRRTLRLLLLGADNSGKSTIVKQMRIYHVNGYSEEECKQYKAVVYSNTIQS
IIAIIRAMGRLKIDFGDSARADDARQLFVLAGAAEEGFMTAELAGVIKRLWKDSGVQACFNRSREYQLNDSAAYYLNDLD
RIAQPNYIPTQQDVLRTRVKTSGIFETKFQVDKVNFHMFDVGAQRDERRKWIQCFNDVTAIIFVVDSSDYNRLQEALNDF
KSIWNNRWLRTISVILFLNKQDLLAEKVLAGKSKIEDYFPEFARYTTPEDATPEPGEDPRVTRAKYFIRKEFVDISTASG
DGRHICYPHFTCSVDTENARRIFNDCKDIILQMNLREYNLV
;
A
2 'polypeptide(L)'
;MLLQSELDQLRQEAEQLKNQIRDARKACADATLSQITNNIDPVGRIQMRTRRTLRGHLAKIYAMHWGTDSRLLVSASQDG
KLIIWDSYTTNKVHAIPLRSSWVMTCAYAPSGNYVACGGLDNICSIYNLKTREGNVRVSRELAGHTGYLSCCRFLDDNQI
VTSSGDTTCALWDIETGQQTTTFTGHTGDVMSLSLAPDTRLFVSGACDASAKLWDVREGMCRQTFTGHESDINAICFFPN
GNAFATGSDDATCRLFDLRADQELMTYSHDNIICGITSVSFSKSGRLLLAGYDDFNCNVWDALKADRAGVLAGHDNRVSC
LGVTDDGMAVATGSWDSFLKIWN
;
B
3 'polypeptide(L)'
;VQLVESGGGLVQPGGSRKLSCSASGFAFSSFGMHWVRQAPEKGLEWVAYISSGSGTIYYADTVKGRFTISRDDPKNTLFL
QMTSLRSEDTAMYYCVRSIYYYGSSPFDFWGQGTTLTVSAGGGGSGGGGSGGGGSADIVMTQATSSVPVTPGESVSISCR
SSKSLLHSNGNTYLYWFLQRPGQSPQLLIYRMSNLASGVPDRFSGSGSGTAFTLTISRLEAEDVGVYYCMQHLEYPLTFG
AGTKLEL
;
E
4 'polypeptide(L)' MASNNTASIAQARKLVEQLKMEANIDRIKVSKAAADLMAYCEAHAKEDPLLTPVPASENPFREKKFFCAIL G
5 'polypeptide(L)'
;MSMNNSKQLVSPAAALLSNTTCQTENRLSVFFSVIFMTVGILSNSLAIAILMKAYQRFRQKSKASFLLLASGLVITDFFG
HLINGAIAVFVYASDKEWIRFDQSNVLCSIFGICMVFSGLCPLLLGSVMAIERCIGVTKPIFHSTKITSKHVKMMLSGVC
LFAVFIALLPILGHRDYKIQASRTWCFYNTEDIKDWEDRFYLLLFSFLGLLALGVSLLCNAITGITLLRVKFKSQQHRQG
RSHHLEMVIQLLAIMCVSCICWSPFLVTMANIGINGNHSLETCETTLFALRMATWNQILDPWVYILLRKAVLKNLYKLAS
QCCGVHVISLHIWELSSIKNSLKVAAISESPVAEKSAST
;
R
#
# COMPACT_ATOMS: atom_id res chain seq x y z
N LEU A 5 -12.39 25.72 -9.80
CA LEU A 5 -11.42 24.95 -8.97
C LEU A 5 -10.06 25.63 -8.95
N SER A 6 -9.33 25.45 -7.86
CA SER A 6 -8.01 26.06 -7.73
C SER A 6 -7.02 25.43 -8.69
N ALA A 7 -6.11 26.26 -9.20
CA ALA A 7 -5.07 25.76 -10.10
C ALA A 7 -4.04 24.94 -9.34
N GLU A 8 -3.70 25.36 -8.12
CA GLU A 8 -2.75 24.60 -7.31
C GLU A 8 -3.31 23.22 -6.98
N ASP A 9 -4.63 23.13 -6.74
CA ASP A 9 -5.24 21.84 -6.48
C ASP A 9 -5.15 20.94 -7.70
N LYS A 10 -5.39 21.49 -8.89
CA LYS A 10 -5.28 20.68 -10.11
C LYS A 10 -3.85 20.22 -10.33
N ALA A 11 -2.87 21.10 -10.08
CA ALA A 11 -1.47 20.70 -10.22
C ALA A 11 -1.11 19.61 -9.21
N ALA A 12 -1.63 19.70 -7.99
CA ALA A 12 -1.38 18.67 -7.00
C ALA A 12 -2.01 17.34 -7.42
N VAL A 13 -3.21 17.40 -8.02
CA VAL A 13 -3.85 16.19 -8.50
C VAL A 13 -3.03 15.58 -9.63
N GLU A 14 -2.48 16.41 -10.50
CA GLU A 14 -1.63 15.89 -11.58
C GLU A 14 -0.37 15.24 -11.02
N ARG A 15 0.24 15.87 -10.01
CA ARG A 15 1.40 15.28 -9.36
C ARG A 15 1.04 13.94 -8.71
N SER A 16 -0.15 13.87 -8.11
CA SER A 16 -0.59 12.61 -7.51
C SER A 16 -0.78 11.54 -8.57
N LYS A 17 -1.34 11.92 -9.73
CA LYS A 17 -1.49 10.95 -10.82
C LYS A 17 -0.13 10.46 -11.31
N MET A 18 0.84 11.36 -11.41
CA MET A 18 2.19 10.96 -11.82
C MET A 18 2.80 10.02 -10.79
N ILE A 19 2.61 10.31 -9.51
CA ILE A 19 3.14 9.44 -8.46
C ILE A 19 2.47 8.08 -8.52
N GLU A 20 1.17 8.03 -8.84
CA GLU A 20 0.49 6.76 -8.97
C GLU A 20 1.01 5.97 -10.16
N LYS A 21 1.28 6.66 -11.28
CA LYS A 21 1.89 5.98 -12.42
C LYS A 21 3.25 5.40 -12.05
N GLN A 22 4.06 6.16 -11.32
CA GLN A 22 5.36 5.65 -10.89
C GLN A 22 5.20 4.46 -9.95
N LEU A 23 4.23 4.53 -9.04
CA LEU A 23 3.98 3.41 -8.13
C LEU A 23 3.57 2.16 -8.89
N GLN A 24 2.75 2.33 -9.95
CA GLN A 24 2.36 1.18 -10.76
C GLN A 24 3.56 0.62 -11.51
N LYS A 25 4.40 1.48 -12.08
CA LYS A 25 5.60 1.02 -12.76
C LYS A 25 6.50 0.23 -11.81
N ASP A 26 6.61 0.69 -10.57
CA ASP A 26 7.43 -0.02 -9.59
C ASP A 26 6.77 -1.32 -9.14
N LYS A 27 5.44 -1.33 -9.01
CA LYS A 27 4.74 -2.54 -8.61
C LYS A 27 4.86 -3.62 -9.67
N GLN A 28 4.94 -3.22 -10.95
CA GLN A 28 5.18 -4.18 -12.01
C GLN A 28 6.44 -5.00 -11.72
N VAL A 29 7.57 -4.31 -11.51
CA VAL A 29 8.82 -5.00 -11.24
C VAL A 29 8.73 -5.76 -9.92
N TYR A 30 8.07 -5.18 -8.92
CA TYR A 30 7.94 -5.85 -7.62
C TYR A 30 7.25 -7.19 -7.77
N ARG A 31 6.21 -7.25 -8.61
CA ARG A 31 5.49 -8.50 -8.83
C ARG A 31 6.26 -9.44 -9.74
N ARG A 32 7.07 -8.90 -10.67
CA ARG A 32 7.86 -9.75 -11.54
C ARG A 32 8.85 -10.60 -10.74
N THR A 33 9.64 -9.97 -9.88
CA THR A 33 10.66 -10.68 -9.12
C THR A 33 10.04 -11.47 -7.98
N LEU A 34 10.70 -12.57 -7.62
CA LEU A 34 10.28 -13.42 -6.52
C LEU A 34 11.25 -13.27 -5.34
N ARG A 35 10.69 -13.33 -4.13
CA ARG A 35 11.47 -13.16 -2.91
C ARG A 35 11.67 -14.50 -2.23
N LEU A 36 12.88 -14.74 -1.73
CA LEU A 36 13.23 -15.97 -1.04
C LEU A 36 14.01 -15.63 0.22
N LEU A 37 13.76 -16.39 1.29
CA LEU A 37 14.44 -16.23 2.57
C LEU A 37 15.31 -17.45 2.84
N LEU A 38 16.59 -17.21 3.15
CA LEU A 38 17.53 -18.27 3.45
C LEU A 38 17.83 -18.27 4.95
N LEU A 39 17.50 -19.36 5.61
CA LEU A 39 17.73 -19.52 7.05
C LEU A 39 18.65 -20.70 7.30
N GLY A 40 19.40 -20.62 8.40
CA GLY A 40 20.32 -21.68 8.77
C GLY A 40 21.34 -21.24 9.79
N ALA A 41 21.72 -22.15 10.68
CA ALA A 41 22.68 -21.82 11.72
C ALA A 41 24.07 -21.64 11.11
N ASP A 42 25.00 -21.13 11.94
CA ASP A 42 26.36 -20.92 11.48
C ASP A 42 27.00 -22.22 11.02
N ASN A 43 26.70 -23.32 11.71
CA ASN A 43 27.26 -24.61 11.31
C ASN A 43 26.85 -24.99 9.90
N SER A 44 25.65 -24.60 9.49
CA SER A 44 25.18 -24.92 8.13
C SER A 44 26.04 -24.21 7.10
N GLY A 45 26.15 -24.82 5.93
CA GLY A 45 26.94 -24.26 4.84
C GLY A 45 26.14 -23.33 3.95
N LYS A 46 25.37 -22.42 4.56
CA LYS A 46 24.59 -21.49 3.77
C LYS A 46 25.47 -20.48 3.04
N SER A 47 26.60 -20.10 3.64
CA SER A 47 27.50 -19.16 2.98
C SER A 47 28.02 -19.73 1.67
N THR A 48 28.41 -21.01 1.67
CA THR A 48 28.89 -21.64 0.45
C THR A 48 27.79 -21.71 -0.60
N ILE A 49 26.56 -22.01 -0.17
CA ILE A 49 25.45 -22.07 -1.11
C ILE A 49 25.20 -20.70 -1.74
N VAL A 50 25.30 -19.63 -0.94
CA VAL A 50 25.07 -18.29 -1.45
C VAL A 50 26.19 -17.90 -2.42
N LYS A 51 27.44 -18.21 -2.06
CA LYS A 51 28.57 -17.81 -2.88
C LYS A 51 28.69 -18.64 -4.16
N GLN A 52 28.14 -19.85 -4.16
CA GLN A 52 28.26 -20.72 -5.32
C GLN A 52 27.27 -20.40 -6.42
N MET A 53 26.16 -19.73 -6.09
CA MET A 53 25.14 -19.40 -7.08
C MET A 53 25.61 -18.27 -7.99
N ARG A 54 26.58 -18.55 -8.86
CA ARG A 54 27.09 -17.57 -9.80
C ARG A 54 26.29 -17.52 -11.09
N ILE A 55 25.07 -18.06 -11.08
CA ILE A 55 24.23 -18.07 -12.27
C ILE A 55 23.76 -16.65 -12.58
N THR A 181 28.32 -3.42 9.08
CA THR A 181 27.34 -3.86 10.08
C THR A 181 25.96 -4.00 9.46
N SER A 182 25.93 -4.45 8.20
CA SER A 182 24.66 -4.64 7.51
C SER A 182 23.85 -5.73 8.19
N GLY A 183 22.63 -5.37 8.62
CA GLY A 183 21.78 -6.33 9.29
C GLY A 183 21.13 -7.34 8.37
N ILE A 184 21.08 -7.04 7.07
CA ILE A 184 20.45 -7.93 6.09
C ILE A 184 21.33 -7.96 4.84
N PHE A 185 21.49 -9.15 4.27
CA PHE A 185 22.26 -9.34 3.05
C PHE A 185 21.32 -9.75 1.92
N GLU A 186 21.66 -9.34 0.70
CA GLU A 186 20.84 -9.56 -0.47
C GLU A 186 21.64 -10.32 -1.52
N THR A 187 20.97 -11.25 -2.20
CA THR A 187 21.57 -12.02 -3.28
C THR A 187 20.51 -12.26 -4.35
N LYS A 188 20.90 -12.05 -5.61
CA LYS A 188 19.98 -12.18 -6.74
C LYS A 188 20.58 -13.13 -7.76
N PHE A 189 19.76 -14.05 -8.26
CA PHE A 189 20.18 -14.99 -9.29
C PHE A 189 19.02 -15.22 -10.24
N GLN A 190 19.32 -15.84 -11.38
CA GLN A 190 18.34 -16.06 -12.43
C GLN A 190 18.38 -17.53 -12.85
N VAL A 191 17.25 -18.22 -12.73
CA VAL A 191 17.12 -19.62 -13.09
C VAL A 191 16.07 -19.70 -14.20
N ASP A 192 16.50 -20.15 -15.38
CA ASP A 192 15.62 -20.29 -16.54
C ASP A 192 14.88 -18.99 -16.82
N LYS A 193 15.62 -17.89 -16.78
CA LYS A 193 15.16 -16.52 -17.04
C LYS A 193 14.32 -15.98 -15.89
N VAL A 194 13.99 -16.78 -14.88
CA VAL A 194 13.18 -16.34 -13.76
C VAL A 194 14.09 -15.76 -12.69
N ASN A 195 13.84 -14.51 -12.33
CA ASN A 195 14.66 -13.82 -11.34
C ASN A 195 14.22 -14.19 -9.93
N PHE A 196 15.19 -14.39 -9.05
CA PHE A 196 14.94 -14.74 -7.66
C PHE A 196 15.77 -13.85 -6.75
N HIS A 197 15.15 -13.38 -5.67
CA HIS A 197 15.81 -12.57 -4.66
C HIS A 197 15.95 -13.38 -3.39
N MET A 198 17.19 -13.62 -2.96
CA MET A 198 17.49 -14.40 -1.77
C MET A 198 18.09 -13.48 -0.72
N PHE A 199 17.41 -13.37 0.42
CA PHE A 199 17.83 -12.51 1.51
C PHE A 199 18.34 -13.36 2.67
N ASP A 200 19.42 -12.90 3.30
CA ASP A 200 20.02 -13.61 4.43
C ASP A 200 20.49 -12.59 5.45
N VAL A 201 20.07 -12.79 6.71
CA VAL A 201 20.45 -11.90 7.79
C VAL A 201 21.95 -12.02 8.03
N GLY A 202 22.64 -10.89 8.10
CA GLY A 202 24.07 -10.88 8.29
C GLY A 202 24.51 -10.54 9.71
N ALA A 203 23.86 -9.53 10.31
CA ALA A 203 24.24 -9.05 11.63
C ALA A 203 22.96 -8.80 12.45
N GLN A 204 22.57 -9.80 13.23
CA GLN A 204 21.44 -9.66 14.15
C GLN A 204 21.65 -10.61 15.31
N ARG A 205 20.91 -10.38 16.39
CA ARG A 205 21.04 -11.19 17.58
C ARG A 205 20.47 -12.59 17.33
N ASP A 206 20.54 -13.43 18.37
CA ASP A 206 20.12 -14.82 18.22
C ASP A 206 18.61 -14.93 18.07
N GLU A 207 17.85 -14.08 18.76
CA GLU A 207 16.41 -14.17 18.71
C GLU A 207 15.89 -13.96 17.30
N ARG A 208 14.74 -14.57 17.00
CA ARG A 208 14.18 -14.54 15.66
C ARG A 208 12.68 -14.26 15.61
N ARG A 209 11.98 -14.31 16.74
CA ARG A 209 10.52 -14.21 16.71
C ARG A 209 10.03 -12.85 16.24
N LYS A 210 10.87 -11.82 16.26
CA LYS A 210 10.43 -10.47 15.92
C LYS A 210 10.66 -10.15 14.44
N TRP A 211 11.91 -10.22 13.98
CA TRP A 211 12.22 -9.86 12.60
C TRP A 211 11.74 -10.89 11.60
N ILE A 212 11.33 -12.08 12.04
CA ILE A 212 10.82 -13.09 11.12
C ILE A 212 9.48 -12.67 10.55
N GLN A 213 8.73 -11.83 11.27
CA GLN A 213 7.41 -11.42 10.80
C GLN A 213 7.50 -10.57 9.54
N CYS A 214 8.61 -9.85 9.36
CA CYS A 214 8.74 -8.96 8.21
C CYS A 214 8.92 -9.74 6.91
N PHE A 215 9.45 -10.96 6.98
CA PHE A 215 9.73 -11.76 5.80
C PHE A 215 8.54 -12.60 5.36
N ASN A 216 7.33 -12.24 5.77
CA ASN A 216 6.15 -12.95 5.29
C ASN A 216 5.82 -12.51 3.87
N ASP A 217 4.85 -13.21 3.26
CA ASP A 217 4.40 -12.96 1.90
C ASP A 217 5.48 -13.28 0.87
N VAL A 218 6.55 -13.97 1.26
CA VAL A 218 7.63 -14.32 0.34
C VAL A 218 7.25 -15.59 -0.40
N THR A 219 7.97 -15.85 -1.49
CA THR A 219 7.69 -17.05 -2.29
C THR A 219 7.93 -18.31 -1.49
N ALA A 220 9.07 -18.40 -0.81
CA ALA A 220 9.41 -19.59 -0.04
C ALA A 220 10.59 -19.27 0.87
N ILE A 221 10.80 -20.14 1.86
CA ILE A 221 11.88 -20.02 2.82
C ILE A 221 12.81 -21.21 2.63
N ILE A 222 14.11 -20.93 2.55
CA ILE A 222 15.13 -21.96 2.35
C ILE A 222 15.81 -22.22 3.69
N PHE A 223 15.60 -23.42 4.22
CA PHE A 223 16.20 -23.83 5.48
C PHE A 223 17.34 -24.81 5.20
N VAL A 224 18.54 -24.44 5.63
CA VAL A 224 19.75 -25.25 5.41
C VAL A 224 20.19 -25.82 6.75
N VAL A 225 20.58 -27.09 6.76
CA VAL A 225 21.00 -27.79 7.96
C VAL A 225 22.17 -28.69 7.61
N ASP A 226 23.13 -28.79 8.53
CA ASP A 226 24.30 -29.66 8.35
C ASP A 226 23.91 -31.07 8.79
N SER A 227 23.51 -31.90 7.82
CA SER A 227 23.10 -33.27 8.13
C SER A 227 24.25 -34.14 8.62
N SER A 228 25.50 -33.69 8.47
CA SER A 228 26.63 -34.49 8.92
C SER A 228 26.76 -34.46 10.44
N ASP A 229 26.91 -33.27 11.01
CA ASP A 229 27.03 -33.14 12.46
C ASP A 229 25.73 -33.51 13.13
N TYR A 230 25.75 -34.56 13.95
CA TYR A 230 24.55 -35.01 14.64
C TYR A 230 24.28 -34.22 15.92
N ASN A 231 25.31 -33.63 16.52
CA ASN A 231 25.11 -32.88 17.76
C ASN A 231 24.18 -31.70 17.53
N ARG A 232 24.51 -30.85 16.55
CA ARG A 232 23.69 -29.68 16.25
C ARG A 232 22.42 -30.03 15.49
N LEU A 233 22.17 -31.31 15.21
CA LEU A 233 20.98 -31.69 14.46
C LEU A 233 19.71 -31.46 15.27
N GLN A 234 19.77 -31.70 16.59
CA GLN A 234 18.60 -31.48 17.43
C GLN A 234 18.20 -30.01 17.43
N GLU A 235 19.18 -29.11 17.57
CA GLU A 235 18.88 -27.68 17.52
C GLU A 235 18.31 -27.29 16.17
N ALA A 236 18.82 -27.89 15.09
CA ALA A 236 18.30 -27.59 13.76
C ALA A 236 16.83 -28.03 13.64
N LEU A 237 16.51 -29.22 14.15
CA LEU A 237 15.13 -29.68 14.11
C LEU A 237 14.23 -28.79 14.96
N ASN A 238 14.73 -28.35 16.12
CA ASN A 238 13.93 -27.45 16.96
C ASN A 238 13.67 -26.13 16.25
N ASP A 239 14.70 -25.57 15.60
CA ASP A 239 14.52 -24.32 14.87
C ASP A 239 13.55 -24.50 13.71
N PHE A 240 13.63 -25.63 13.01
CA PHE A 240 12.71 -25.89 11.91
C PHE A 240 11.28 -25.98 12.42
N LYS A 241 11.08 -26.68 13.55
CA LYS A 241 9.74 -26.77 14.12
C LYS A 241 9.22 -25.41 14.53
N SER A 242 10.09 -24.58 15.14
CA SER A 242 9.66 -23.25 15.55
C SER A 242 9.27 -22.40 14.35
N ILE A 243 10.06 -22.47 13.27
CA ILE A 243 9.76 -21.68 12.08
C ILE A 243 8.51 -22.21 11.39
N TRP A 244 8.22 -23.50 11.53
CA TRP A 244 7.06 -24.08 10.85
C TRP A 244 5.77 -23.74 11.58
N ASN A 245 5.78 -23.76 12.92
CA ASN A 245 4.60 -23.49 13.72
C ASN A 245 4.38 -22.00 13.97
N ASN A 246 5.18 -21.13 13.36
CA ASN A 246 5.00 -19.69 13.53
C ASN A 246 3.63 -19.28 13.02
N ARG A 247 2.92 -18.47 13.81
CA ARG A 247 1.57 -18.07 13.44
C ARG A 247 1.56 -17.19 12.21
N TRP A 248 2.61 -16.38 12.02
CA TRP A 248 2.67 -15.47 10.89
C TRP A 248 3.24 -16.11 9.64
N LEU A 249 4.08 -17.14 9.78
CA LEU A 249 4.66 -17.84 8.63
C LEU A 249 3.96 -19.17 8.36
N ARG A 250 2.74 -19.36 8.88
CA ARG A 250 2.02 -20.61 8.70
C ARG A 250 1.47 -20.76 7.29
N THR A 251 1.68 -19.80 6.40
CA THR A 251 1.19 -19.86 5.03
C THR A 251 2.31 -19.81 4.00
N ILE A 252 3.57 -19.91 4.43
CA ILE A 252 4.73 -19.86 3.55
C ILE A 252 5.40 -21.23 3.58
N SER A 253 5.66 -21.79 2.40
CA SER A 253 6.32 -23.08 2.31
C SER A 253 7.78 -22.95 2.75
N VAL A 254 8.30 -24.05 3.32
CA VAL A 254 9.66 -24.09 3.86
C VAL A 254 10.46 -25.08 3.02
N ILE A 255 11.43 -24.58 2.28
CA ILE A 255 12.33 -25.42 1.48
C ILE A 255 13.42 -25.97 2.39
N LEU A 256 13.68 -27.26 2.28
CA LEU A 256 14.66 -27.95 3.12
C LEU A 256 15.76 -28.51 2.23
N PHE A 257 17.00 -28.05 2.44
CA PHE A 257 18.17 -28.54 1.74
C PHE A 257 19.11 -29.18 2.75
N LEU A 258 19.21 -30.51 2.72
CA LEU A 258 20.11 -31.23 3.60
C LEU A 258 21.51 -31.19 2.98
N ASN A 259 22.21 -30.09 3.26
CA ASN A 259 23.52 -29.85 2.68
C ASN A 259 24.57 -30.74 3.33
N LYS A 260 25.72 -30.85 2.65
CA LYS A 260 26.86 -31.63 3.15
C LYS A 260 26.50 -33.11 3.31
N GLN A 261 26.06 -33.71 2.19
CA GLN A 261 25.74 -35.13 2.21
C GLN A 261 26.98 -35.99 2.11
N ASP A 262 28.02 -35.51 1.43
CA ASP A 262 29.26 -36.28 1.33
C ASP A 262 29.90 -36.48 2.70
N LEU A 263 29.92 -35.43 3.52
CA LEU A 263 30.49 -35.55 4.85
C LEU A 263 29.68 -36.51 5.71
N LEU A 264 28.35 -36.43 5.61
CA LEU A 264 27.49 -37.35 6.36
C LEU A 264 27.76 -38.79 5.93
N ALA A 265 27.87 -39.03 4.62
CA ALA A 265 28.14 -40.38 4.14
C ALA A 265 29.48 -40.88 4.65
N GLU A 266 30.53 -40.06 4.55
CA GLU A 266 31.84 -40.48 5.05
C GLU A 266 31.80 -40.78 6.54
N LYS A 267 31.08 -39.95 7.31
CA LYS A 267 31.03 -40.13 8.76
C LYS A 267 30.29 -41.42 9.12
N VAL A 268 29.15 -41.66 8.47
CA VAL A 268 28.39 -42.88 8.78
C VAL A 268 29.08 -44.12 8.25
N LEU A 269 29.94 -43.99 7.24
CA LEU A 269 30.72 -45.13 6.77
C LEU A 269 31.92 -45.40 7.68
N ALA A 270 32.46 -44.35 8.32
CA ALA A 270 33.56 -44.56 9.24
C ALA A 270 33.18 -45.51 10.37
N GLY A 271 31.90 -45.50 10.78
CA GLY A 271 31.43 -46.38 11.82
C GLY A 271 31.83 -45.99 13.23
N LYS A 272 32.44 -44.82 13.41
CA LYS A 272 32.86 -44.42 14.75
C LYS A 272 31.67 -43.96 15.58
N SER A 273 30.86 -43.05 15.04
CA SER A 273 29.69 -42.52 15.74
C SER A 273 28.57 -42.36 14.72
N LYS A 274 27.43 -42.98 15.00
CA LYS A 274 26.27 -42.95 14.11
C LYS A 274 25.14 -42.16 14.76
N ILE A 275 24.01 -42.09 14.04
CA ILE A 275 22.87 -41.32 14.54
C ILE A 275 22.27 -41.98 15.77
N GLU A 276 22.43 -43.31 15.91
CA GLU A 276 21.80 -44.01 17.02
C GLU A 276 22.25 -43.48 18.37
N ASP A 277 23.50 -43.01 18.46
CA ASP A 277 24.01 -42.50 19.73
C ASP A 277 23.24 -41.28 20.19
N TYR A 278 22.62 -40.55 19.27
CA TYR A 278 21.88 -39.33 19.61
C TYR A 278 20.37 -39.51 19.55
N PHE A 279 19.87 -40.36 18.65
CA PHE A 279 18.44 -40.58 18.51
C PHE A 279 18.12 -42.04 18.80
N PRO A 280 17.22 -42.34 19.75
CA PRO A 280 16.94 -43.76 20.03
C PRO A 280 16.07 -44.43 18.97
N GLU A 281 15.25 -43.66 18.25
CA GLU A 281 14.37 -44.26 17.26
C GLU A 281 15.15 -44.92 16.12
N PHE A 282 16.42 -44.57 15.95
CA PHE A 282 17.21 -45.13 14.85
C PHE A 282 17.46 -46.63 15.04
N ALA A 283 17.29 -47.15 16.25
CA ALA A 283 17.52 -48.57 16.50
C ALA A 283 16.40 -49.44 15.94
N ARG A 284 15.22 -48.87 15.67
CA ARG A 284 14.08 -49.63 15.18
C ARG A 284 13.50 -49.03 13.92
N TYR A 285 14.29 -48.26 13.17
CA TYR A 285 13.85 -47.65 11.92
C TYR A 285 14.55 -48.34 10.75
N THR A 286 13.77 -48.73 9.75
CA THR A 286 14.30 -49.38 8.55
C THR A 286 14.02 -48.52 7.33
N THR A 287 14.86 -48.69 6.32
CA THR A 287 14.70 -47.91 5.09
C THR A 287 13.34 -48.21 4.46
N PRO A 288 12.60 -47.20 4.03
CA PRO A 288 11.30 -47.46 3.40
C PRO A 288 11.44 -48.36 2.18
N GLU A 289 10.30 -48.89 1.73
CA GLU A 289 10.29 -49.76 0.56
C GLU A 289 10.45 -48.98 -0.74
N ASP A 290 10.01 -47.72 -0.75
CA ASP A 290 10.10 -46.86 -1.93
C ASP A 290 11.37 -46.03 -1.97
N ALA A 291 12.30 -46.25 -1.05
CA ALA A 291 13.55 -45.49 -1.02
C ALA A 291 14.38 -45.83 -2.24
N THR A 292 14.56 -44.85 -3.13
CA THR A 292 15.35 -45.06 -4.33
C THR A 292 16.72 -44.41 -4.14
N PRO A 293 17.76 -45.17 -3.82
CA PRO A 293 19.10 -44.59 -3.65
C PRO A 293 19.81 -44.40 -4.99
N GLU A 294 20.76 -43.48 -4.98
CA GLU A 294 21.55 -43.21 -6.17
C GLU A 294 22.50 -44.38 -6.45
N PRO A 295 22.89 -44.58 -7.71
CA PRO A 295 23.76 -45.72 -8.02
C PRO A 295 25.13 -45.60 -7.34
N GLY A 296 25.45 -46.58 -6.52
CA GLY A 296 26.71 -46.61 -5.82
C GLY A 296 26.66 -46.12 -4.38
N GLU A 297 25.48 -46.00 -3.79
CA GLU A 297 25.34 -45.54 -2.42
C GLU A 297 25.27 -46.73 -1.46
N ASP A 298 25.95 -46.60 -0.33
CA ASP A 298 25.94 -47.66 0.66
C ASP A 298 24.58 -47.70 1.37
N PRO A 299 24.08 -48.89 1.71
CA PRO A 299 22.79 -48.96 2.41
C PRO A 299 22.74 -48.14 3.69
N ARG A 300 23.85 -48.06 4.44
CA ARG A 300 23.85 -47.29 5.67
C ARG A 300 23.63 -45.81 5.41
N VAL A 301 24.29 -45.26 4.39
CA VAL A 301 24.10 -43.86 4.05
C VAL A 301 22.65 -43.60 3.66
N THR A 302 22.08 -44.48 2.83
CA THR A 302 20.68 -44.34 2.43
C THR A 302 19.77 -44.35 3.64
N ARG A 303 19.95 -45.32 4.54
CA ARG A 303 19.09 -45.43 5.71
C ARG A 303 19.21 -44.20 6.59
N ALA A 304 20.44 -43.69 6.78
CA ALA A 304 20.62 -42.51 7.62
C ALA A 304 19.93 -41.29 7.01
N LYS A 305 20.16 -41.04 5.73
CA LYS A 305 19.55 -39.87 5.09
C LYS A 305 18.03 -39.98 5.09
N TYR A 306 17.50 -41.20 4.89
CA TYR A 306 16.06 -41.36 4.89
C TYR A 306 15.47 -41.23 6.29
N PHE A 307 16.23 -41.63 7.32
CA PHE A 307 15.78 -41.39 8.69
C PHE A 307 15.73 -39.90 9.00
N ILE A 308 16.74 -39.16 8.55
CA ILE A 308 16.73 -37.71 8.75
C ILE A 308 15.55 -37.08 8.01
N ARG A 309 15.32 -37.52 6.77
CA ARG A 309 14.19 -36.99 6.00
C ARG A 309 12.87 -37.34 6.66
N LYS A 310 12.76 -38.53 7.23
CA LYS A 310 11.53 -38.92 7.92
C LYS A 310 11.30 -38.08 9.17
N GLU A 311 12.37 -37.81 9.93
CA GLU A 311 12.26 -36.92 11.07
C GLU A 311 11.76 -35.54 10.64
N PHE A 312 12.38 -34.98 9.59
CA PHE A 312 11.96 -33.66 9.12
C PHE A 312 10.51 -33.69 8.64
N VAL A 313 10.11 -34.75 7.95
CA VAL A 313 8.75 -34.82 7.41
C VAL A 313 7.72 -34.99 8.52
N ASP A 314 8.06 -35.73 9.57
CA ASP A 314 7.13 -35.88 10.68
C ASP A 314 7.08 -34.63 11.55
N ILE A 315 8.14 -33.84 11.55
CA ILE A 315 8.10 -32.55 12.24
C ILE A 315 7.29 -31.54 11.43
N SER A 316 7.33 -31.65 10.11
CA SER A 316 6.63 -30.69 9.26
C SER A 316 5.13 -31.00 9.16
N THR A 317 4.79 -32.25 8.84
CA THR A 317 3.39 -32.61 8.67
C THR A 317 2.59 -32.36 9.93
N ALA A 318 3.21 -32.54 11.10
CA ALA A 318 2.53 -32.27 12.36
C ALA A 318 2.03 -30.83 12.38
N SER A 319 0.71 -30.67 12.39
CA SER A 319 0.08 -29.34 12.34
C SER A 319 0.44 -28.62 11.05
N GLY A 320 0.43 -29.35 9.93
CA GLY A 320 0.76 -28.74 8.65
C GLY A 320 -0.33 -27.85 8.12
N ASP A 321 -1.59 -28.15 8.43
CA ASP A 321 -2.78 -27.40 8.04
C ASP A 321 -3.09 -27.53 6.55
N GLY A 322 -2.29 -28.25 5.78
CA GLY A 322 -2.54 -28.46 4.37
C GLY A 322 -2.35 -27.25 3.49
N ARG A 323 -2.03 -26.08 4.04
CA ARG A 323 -1.83 -24.88 3.24
C ARG A 323 -0.38 -24.64 2.87
N HIS A 324 0.57 -25.26 3.57
CA HIS A 324 1.99 -25.11 3.27
C HIS A 324 2.69 -26.43 3.56
N ILE A 325 3.53 -26.87 2.61
CA ILE A 325 4.22 -28.14 2.70
C ILE A 325 5.72 -27.90 2.52
N CYS A 326 6.51 -28.85 3.03
CA CYS A 326 7.96 -28.79 2.90
C CYS A 326 8.42 -29.51 1.64
N TYR A 327 9.66 -29.24 1.24
CA TYR A 327 10.27 -29.84 0.06
C TYR A 327 11.67 -30.33 0.41
N PRO A 328 11.78 -31.50 1.03
CA PRO A 328 13.12 -32.04 1.33
C PRO A 328 13.89 -32.35 0.06
N HIS A 329 15.18 -31.99 0.07
CA HIS A 329 16.05 -32.24 -1.07
C HIS A 329 17.46 -32.47 -0.56
N PHE A 330 18.14 -33.49 -1.10
CA PHE A 330 19.51 -33.79 -0.73
C PHE A 330 20.46 -33.08 -1.67
N THR A 331 21.39 -32.32 -1.10
CA THR A 331 22.35 -31.56 -1.90
C THR A 331 23.68 -31.52 -1.17
N CYS A 332 24.72 -31.09 -1.88
CA CYS A 332 26.06 -30.96 -1.31
C CYS A 332 26.60 -29.55 -1.56
N SER A 333 27.87 -29.34 -1.24
CA SER A 333 28.50 -28.03 -1.38
C SER A 333 28.99 -27.73 -2.78
N VAL A 334 28.87 -28.69 -3.72
CA VAL A 334 29.32 -28.50 -5.09
C VAL A 334 28.26 -28.86 -6.11
N ASP A 335 27.08 -29.33 -5.68
CA ASP A 335 26.03 -29.70 -6.62
C ASP A 335 25.53 -28.46 -7.35
N THR A 336 25.64 -28.47 -8.68
CA THR A 336 25.15 -27.36 -9.49
C THR A 336 23.65 -27.40 -9.67
N GLU A 337 23.00 -28.52 -9.37
CA GLU A 337 21.55 -28.63 -9.50
C GLU A 337 20.79 -27.95 -8.38
N ASN A 338 21.47 -27.31 -7.43
CA ASN A 338 20.79 -26.70 -6.29
C ASN A 338 19.74 -25.70 -6.75
N ALA A 339 20.13 -24.74 -7.61
CA ALA A 339 19.19 -23.75 -8.10
C ALA A 339 18.05 -24.41 -8.87
N ARG A 340 18.32 -25.52 -9.56
CA ARG A 340 17.27 -26.22 -10.28
C ARG A 340 16.21 -26.75 -9.33
N ARG A 341 16.62 -27.29 -8.19
CA ARG A 341 15.65 -27.73 -7.19
C ARG A 341 14.84 -26.56 -6.66
N ILE A 342 15.49 -25.42 -6.44
CA ILE A 342 14.79 -24.22 -5.99
C ILE A 342 13.70 -23.86 -6.98
N PHE A 343 14.05 -23.78 -8.27
CA PHE A 343 13.06 -23.44 -9.28
C PHE A 343 11.95 -24.48 -9.34
N ASN A 344 12.31 -25.76 -9.25
CA ASN A 344 11.31 -26.82 -9.37
C ASN A 344 10.28 -26.75 -8.24
N ASP A 345 10.74 -26.54 -7.00
CA ASP A 345 9.81 -26.48 -5.89
C ASP A 345 9.06 -25.16 -5.85
N CYS A 346 9.67 -24.08 -6.35
CA CYS A 346 8.95 -22.81 -6.42
C CYS A 346 7.84 -22.84 -7.46
N LYS A 347 8.06 -23.55 -8.56
CA LYS A 347 7.01 -23.72 -9.56
C LYS A 347 5.80 -24.43 -8.96
N ASP A 348 6.02 -25.33 -8.01
CA ASP A 348 4.91 -26.05 -7.38
C ASP A 348 4.25 -25.22 -6.30
N ILE A 349 5.03 -24.41 -5.57
CA ILE A 349 4.46 -23.58 -4.52
C ILE A 349 3.48 -22.58 -5.11
N ILE A 350 3.86 -21.93 -6.22
CA ILE A 350 2.97 -20.99 -6.87
C ILE A 350 1.74 -21.71 -7.40
N LEU A 351 1.89 -22.96 -7.81
CA LEU A 351 0.74 -23.72 -8.29
C LEU A 351 -0.31 -23.88 -7.20
N GLN A 352 0.11 -24.29 -6.00
CA GLN A 352 -0.83 -24.45 -4.90
C GLN A 352 -1.55 -23.13 -4.59
N MET A 353 -0.81 -22.01 -4.67
CA MET A 353 -1.43 -20.71 -4.41
C MET A 353 -2.56 -20.43 -5.39
N ASN A 354 -2.42 -20.91 -6.63
CA ASN A 354 -3.47 -20.68 -7.62
C ASN A 354 -4.68 -21.57 -7.38
N LEU A 355 -4.48 -22.79 -6.87
CA LEU A 355 -5.60 -23.66 -6.61
C LEU A 355 -6.46 -23.13 -5.47
N ARG A 356 -5.83 -22.65 -4.39
CA ARG A 356 -6.59 -22.07 -3.29
C ARG A 356 -7.38 -20.85 -3.77
N GLU A 357 -6.83 -20.11 -4.73
CA GLU A 357 -7.56 -18.98 -5.29
C GLU A 357 -8.75 -19.45 -6.11
N TYR A 358 -8.54 -20.44 -6.97
CA TYR A 358 -9.63 -20.93 -7.83
C TYR A 358 -10.73 -21.58 -6.99
N ASN A 359 -10.39 -22.11 -5.82
CA ASN A 359 -11.36 -22.76 -4.95
C ASN A 359 -11.92 -21.82 -3.88
N LEU A 360 -11.37 -20.61 -3.75
CA LEU A 360 -11.82 -19.65 -2.75
C LEU A 360 -11.76 -20.24 -1.35
N VAL A 361 -10.61 -20.82 -1.01
CA VAL A 361 -10.42 -21.43 0.30
C VAL A 361 -10.39 -20.35 1.38
N GLU B 6 31.47 -14.23 45.18
CA GLU B 6 31.19 -12.78 45.42
C GLU B 6 30.08 -12.28 44.49
N LEU B 7 29.85 -13.00 43.40
CA LEU B 7 28.80 -12.62 42.46
C LEU B 7 27.42 -12.94 43.01
N ASP B 8 27.29 -14.06 43.73
CA ASP B 8 26.02 -14.37 44.38
C ASP B 8 25.65 -13.30 45.41
N GLN B 9 26.65 -12.71 46.07
CA GLN B 9 26.38 -11.62 46.99
C GLN B 9 25.71 -10.46 46.28
N LEU B 10 26.25 -10.05 45.13
CA LEU B 10 25.64 -8.97 44.37
C LEU B 10 24.27 -9.36 43.84
N ARG B 11 24.08 -10.62 43.44
CA ARG B 11 22.77 -11.06 42.98
C ARG B 11 21.73 -10.93 44.10
N GLN B 12 22.07 -11.41 45.29
CA GLN B 12 21.14 -11.29 46.41
C GLN B 12 20.94 -9.84 46.84
N GLU B 13 21.95 -8.99 46.71
CA GLU B 13 21.78 -7.57 47.01
C GLU B 13 20.80 -6.94 46.03
N ALA B 14 20.94 -7.27 44.74
CA ALA B 14 20.00 -6.75 43.75
C ALA B 14 18.59 -7.25 44.01
N GLU B 15 18.46 -8.52 44.40
CA GLU B 15 17.13 -9.05 44.73
C GLU B 15 16.53 -8.31 45.93
N GLN B 16 17.34 -8.04 46.95
CA GLN B 16 16.85 -7.32 48.11
C GLN B 16 16.44 -5.90 47.73
N LEU B 17 17.22 -5.24 46.88
CA LEU B 17 16.86 -3.90 46.43
C LEU B 17 15.54 -3.93 45.64
N LYS B 18 15.36 -4.94 44.79
CA LYS B 18 14.11 -5.06 44.06
C LYS B 18 12.94 -5.28 44.99
N ASN B 19 13.10 -6.12 46.01
CA ASN B 19 12.04 -6.33 46.98
C ASN B 19 11.71 -5.05 47.73
N GLN B 20 12.73 -4.30 48.12
CA GLN B 20 12.51 -3.03 48.82
C GLN B 20 11.75 -2.05 47.92
N ILE B 21 12.14 -1.97 46.65
CA ILE B 21 11.47 -1.07 45.72
C ILE B 21 10.00 -1.49 45.55
N ARG B 22 9.76 -2.80 45.43
CA ARG B 22 8.39 -3.27 45.27
C ARG B 22 7.56 -2.95 46.51
N ASP B 23 8.15 -3.12 47.69
CA ASP B 23 7.42 -2.81 48.93
C ASP B 23 7.11 -1.32 49.02
N ALA B 24 8.08 -0.47 48.68
CA ALA B 24 7.83 0.97 48.71
C ALA B 24 6.77 1.37 47.69
N ARG B 25 6.76 0.71 46.53
CA ARG B 25 5.76 1.02 45.52
C ARG B 25 4.37 0.57 45.96
N LYS B 26 4.27 -0.60 46.58
CA LYS B 26 2.98 -1.08 47.05
C LYS B 26 2.47 -0.22 48.21
N ALA B 27 3.38 0.27 49.05
CA ALA B 27 2.97 1.09 50.19
C ALA B 27 2.21 2.34 49.74
N CYS B 28 2.50 2.83 48.54
CA CYS B 28 1.83 4.01 48.01
C CYS B 28 0.53 3.69 47.28
N ALA B 29 0.18 2.41 47.16
CA ALA B 29 -1.05 2.01 46.48
C ALA B 29 -2.24 2.20 47.42
N ASP B 30 -2.59 3.48 47.62
CA ASP B 30 -3.70 3.82 48.51
C ASP B 30 -5.03 3.36 47.93
N ALA B 31 -5.22 3.52 46.63
CA ALA B 31 -6.47 3.12 45.98
C ALA B 31 -6.20 2.94 44.50
N THR B 32 -7.13 2.23 43.85
CA THR B 32 -7.03 1.97 42.42
C THR B 32 -7.71 3.08 41.62
N LEU B 33 -7.34 3.18 40.35
CA LEU B 33 -7.93 4.19 39.49
C LEU B 33 -9.42 3.95 39.27
N SER B 34 -9.85 2.68 39.33
CA SER B 34 -11.26 2.37 39.13
C SER B 34 -12.13 2.97 40.22
N GLN B 35 -11.74 2.79 41.48
CA GLN B 35 -12.54 3.29 42.60
C GLN B 35 -12.70 4.80 42.55
N ILE B 36 -11.86 5.51 41.81
CA ILE B 36 -11.95 6.96 41.70
C ILE B 36 -12.72 7.32 40.45
N THR B 37 -12.59 6.49 39.41
CA THR B 37 -13.26 6.73 38.13
C THR B 37 -14.59 6.01 38.02
N ASN B 38 -15.10 5.43 39.09
CA ASN B 38 -16.41 4.78 39.03
C ASN B 38 -17.53 5.81 39.02
N ASN B 39 -17.36 6.91 39.77
CA ASN B 39 -18.41 7.92 39.87
C ASN B 39 -18.50 8.81 38.63
N ILE B 40 -17.46 8.84 37.80
CA ILE B 40 -17.49 9.69 36.60
C ILE B 40 -18.43 9.08 35.57
N ASP B 41 -18.99 9.94 34.73
CA ASP B 41 -19.93 9.48 33.72
C ASP B 41 -19.18 8.74 32.60
N PRO B 42 -19.83 7.79 31.94
CA PRO B 42 -19.16 7.04 30.87
C PRO B 42 -19.01 7.88 29.61
N VAL B 43 -18.04 7.49 28.79
CA VAL B 43 -17.79 8.20 27.54
C VAL B 43 -18.84 7.89 26.48
N GLY B 44 -19.54 6.77 26.62
CA GLY B 44 -20.58 6.41 25.67
C GLY B 44 -20.02 5.83 24.38
N ARG B 45 -20.95 5.44 23.51
CA ARG B 45 -20.59 4.85 22.23
C ARG B 45 -19.94 5.90 21.34
N ILE B 46 -18.62 5.81 21.19
CA ILE B 46 -17.87 6.73 20.32
C ILE B 46 -17.77 6.06 18.95
N GLN B 47 -18.79 6.29 18.12
CA GLN B 47 -18.82 5.70 16.79
C GLN B 47 -18.01 6.55 15.83
N MET B 48 -17.20 5.89 15.01
CA MET B 48 -16.34 6.56 14.04
C MET B 48 -16.57 5.97 12.66
N ARG B 49 -16.43 6.81 11.63
CA ARG B 49 -16.62 6.40 10.25
C ARG B 49 -15.39 6.80 9.44
N THR B 50 -15.10 6.01 8.41
CA THR B 50 -13.96 6.26 7.54
C THR B 50 -14.28 7.44 6.62
N ARG B 51 -13.57 8.55 6.80
CA ARG B 51 -13.76 9.73 5.97
C ARG B 51 -12.92 9.69 4.70
N ARG B 52 -11.68 9.20 4.80
CA ARG B 52 -10.78 9.12 3.66
C ARG B 52 -10.11 7.75 3.65
N THR B 53 -9.93 7.21 2.45
CA THR B 53 -9.27 5.92 2.25
C THR B 53 -8.07 6.13 1.34
N LEU B 54 -6.87 5.92 1.88
CA LEU B 54 -5.63 6.13 1.15
C LEU B 54 -5.18 4.82 0.54
N ARG B 55 -4.92 4.83 -0.76
CA ARG B 55 -4.43 3.66 -1.49
C ARG B 55 -3.25 4.05 -2.35
N GLY B 56 -2.40 3.06 -2.62
CA GLY B 56 -1.21 3.29 -3.42
C GLY B 56 -0.01 2.49 -2.95
N HIS B 57 -0.06 2.01 -1.72
CA HIS B 57 1.04 1.22 -1.19
C HIS B 57 1.12 -0.13 -1.88
N LEU B 58 2.34 -0.56 -2.19
CA LEU B 58 2.57 -1.82 -2.89
C LEU B 58 2.77 -2.99 -1.94
N ALA B 59 3.00 -2.74 -0.66
CA ALA B 59 3.24 -3.81 0.30
C ALA B 59 2.62 -3.42 1.64
N LYS B 60 2.91 -4.23 2.65
CA LYS B 60 2.35 -4.01 3.98
C LYS B 60 2.76 -2.66 4.53
N ILE B 61 1.81 -1.96 5.13
CA ILE B 61 2.07 -0.68 5.80
C ILE B 61 2.47 -1.00 7.24
N TYR B 62 3.67 -0.55 7.64
CA TYR B 62 4.23 -0.90 8.93
C TYR B 62 4.39 0.28 9.87
N ALA B 63 4.55 1.50 9.36
CA ALA B 63 4.82 2.64 10.21
C ALA B 63 4.23 3.90 9.59
N MET B 64 3.69 4.77 10.45
CA MET B 64 3.17 6.06 10.03
C MET B 64 3.31 7.03 11.19
N HIS B 65 3.34 8.32 10.86
CA HIS B 65 3.50 9.36 11.86
C HIS B 65 2.95 10.67 11.32
N TRP B 66 2.32 11.44 12.22
CA TRP B 66 1.80 12.76 11.86
C TRP B 66 2.79 13.85 12.26
N GLY B 67 2.85 14.89 11.44
CA GLY B 67 3.67 16.04 11.72
C GLY B 67 2.97 17.05 12.62
N THR B 68 3.63 18.20 12.79
CA THR B 68 3.03 19.26 13.59
C THR B 68 1.65 19.64 13.06
N ASP B 69 1.49 19.68 11.75
CA ASP B 69 0.20 19.97 11.15
C ASP B 69 -0.62 18.68 10.99
N SER B 70 -1.92 18.82 11.17
CA SER B 70 -2.84 17.68 11.08
C SER B 70 -3.25 17.35 9.65
N ARG B 71 -2.57 17.91 8.65
CA ARG B 71 -2.88 17.67 7.25
C ARG B 71 -1.92 16.69 6.58
N LEU B 72 -0.62 16.96 6.67
CA LEU B 72 0.37 16.08 6.06
C LEU B 72 0.49 14.78 6.84
N LEU B 73 0.80 13.70 6.13
CA LEU B 73 0.90 12.38 6.73
C LEU B 73 1.93 11.57 5.95
N VAL B 74 2.83 10.91 6.67
CA VAL B 74 3.86 10.05 6.09
C VAL B 74 3.57 8.61 6.49
N SER B 75 3.81 7.68 5.57
CA SER B 75 3.59 6.27 5.81
C SER B 75 4.71 5.47 5.18
N ALA B 76 5.06 4.34 5.81
CA ALA B 76 6.14 3.49 5.35
C ALA B 76 5.61 2.09 5.06
N SER B 77 6.04 1.54 3.92
CA SER B 77 5.67 0.19 3.51
C SER B 77 6.93 -0.60 3.18
N GLN B 78 6.82 -1.92 3.26
CA GLN B 78 7.96 -2.80 3.04
C GLN B 78 8.30 -2.97 1.55
N ASP B 79 7.70 -2.17 0.67
CA ASP B 79 8.07 -2.16 -0.74
C ASP B 79 9.19 -1.19 -1.04
N GLY B 80 9.59 -0.37 -0.07
CA GLY B 80 10.67 0.59 -0.28
C GLY B 80 10.16 1.94 -0.76
N LYS B 81 9.01 2.36 -0.24
CA LYS B 81 8.37 3.60 -0.66
C LYS B 81 7.85 4.36 0.55
N LEU B 82 8.26 5.62 0.66
CA LEU B 82 7.70 6.54 1.65
C LEU B 82 6.82 7.53 0.92
N ILE B 83 5.52 7.50 1.21
CA ILE B 83 4.54 8.34 0.54
C ILE B 83 4.03 9.37 1.53
N ILE B 84 4.06 10.63 1.14
CA ILE B 84 3.54 11.73 1.94
C ILE B 84 2.10 12.00 1.49
N TRP B 85 1.14 11.64 2.32
CA TRP B 85 -0.27 11.72 1.98
C TRP B 85 -0.88 13.01 2.49
N ASP B 86 -1.80 13.56 1.71
CA ASP B 86 -2.56 14.75 2.11
C ASP B 86 -3.92 14.28 2.62
N SER B 87 -4.10 14.34 3.94
CA SER B 87 -5.30 13.79 4.55
C SER B 87 -6.57 14.50 4.08
N TYR B 88 -6.48 15.75 3.62
CA TYR B 88 -7.66 16.50 3.22
C TYR B 88 -8.09 16.21 1.78
N THR B 89 -7.13 16.16 0.85
CA THR B 89 -7.43 15.95 -0.55
C THR B 89 -7.00 14.58 -1.07
N THR B 90 -6.30 13.79 -0.25
CA THR B 90 -5.85 12.44 -0.60
C THR B 90 -4.72 12.45 -1.64
N ASN B 91 -4.32 13.62 -2.13
CA ASN B 91 -3.28 13.67 -3.15
C ASN B 91 -1.93 13.31 -2.56
N LYS B 92 -1.15 12.53 -3.33
CA LYS B 92 0.18 12.12 -2.91
C LYS B 92 1.15 13.29 -3.10
N VAL B 93 1.89 13.63 -2.05
CA VAL B 93 2.78 14.78 -2.09
C VAL B 93 4.18 14.38 -2.54
N HIS B 94 4.71 13.26 -2.04
CA HIS B 94 6.05 12.82 -2.40
C HIS B 94 6.08 11.30 -2.46
N ALA B 95 7.08 10.77 -3.17
CA ALA B 95 7.32 9.34 -3.26
C ALA B 95 8.82 9.12 -3.25
N ILE B 96 9.32 8.53 -2.17
CA ILE B 96 10.75 8.37 -1.93
C ILE B 96 11.09 6.89 -2.15
N PRO B 97 11.93 6.56 -3.13
CA PRO B 97 12.38 5.16 -3.28
C PRO B 97 13.47 4.83 -2.27
N LEU B 98 13.14 3.95 -1.33
CA LEU B 98 14.08 3.60 -0.28
C LEU B 98 15.14 2.63 -0.79
N ARG B 99 16.36 2.79 -0.27
CA ARG B 99 17.44 1.88 -0.64
C ARG B 99 17.26 0.51 0.00
N SER B 100 16.56 0.45 1.12
CA SER B 100 16.27 -0.81 1.81
C SER B 100 14.77 -1.06 1.78
N SER B 101 14.37 -2.23 1.31
CA SER B 101 12.95 -2.56 1.17
C SER B 101 12.33 -3.02 2.49
N TRP B 102 13.13 -3.53 3.42
CA TRP B 102 12.61 -4.05 4.69
C TRP B 102 12.57 -2.94 5.75
N VAL B 103 11.85 -1.86 5.40
CA VAL B 103 11.68 -0.75 6.34
C VAL B 103 10.71 -1.16 7.43
N MET B 104 10.97 -0.70 8.65
CA MET B 104 10.12 -1.03 9.80
C MET B 104 9.73 0.17 10.64
N THR B 105 10.25 1.36 10.35
CA THR B 105 9.92 2.54 11.14
C THR B 105 10.10 3.79 10.27
N CYS B 106 9.33 4.82 10.58
CA CYS B 106 9.43 6.09 9.90
C CYS B 106 9.01 7.20 10.86
N ALA B 107 9.55 8.40 10.63
CA ALA B 107 9.26 9.54 11.48
C ALA B 107 9.25 10.80 10.64
N TYR B 108 8.42 11.76 11.08
CA TYR B 108 8.30 13.06 10.41
C TYR B 108 8.76 14.14 11.38
N ALA B 109 9.86 14.80 11.04
CA ALA B 109 10.40 15.82 11.92
C ALA B 109 9.39 16.95 12.12
N PRO B 110 9.36 17.58 13.29
CA PRO B 110 8.40 18.66 13.52
C PRO B 110 8.63 19.88 12.64
N SER B 111 9.85 20.07 12.12
CA SER B 111 10.11 21.21 11.25
C SER B 111 9.49 21.03 9.87
N GLY B 112 9.08 19.81 9.52
CA GLY B 112 8.48 19.56 8.22
C GLY B 112 9.47 19.48 7.08
N ASN B 113 10.77 19.42 7.34
CA ASN B 113 11.79 19.42 6.31
C ASN B 113 12.50 18.08 6.15
N TYR B 114 12.58 17.28 7.21
CA TYR B 114 13.31 16.02 7.18
C TYR B 114 12.41 14.89 7.64
N VAL B 115 12.65 13.70 7.08
CA VAL B 115 11.92 12.48 7.46
C VAL B 115 12.92 11.33 7.51
N ALA B 116 12.86 10.54 8.57
CA ALA B 116 13.77 9.43 8.77
C ALA B 116 13.02 8.11 8.66
N CYS B 117 13.78 7.04 8.42
CA CYS B 117 13.22 5.70 8.32
C CYS B 117 14.33 4.69 8.61
N GLY B 118 13.93 3.45 8.81
CA GLY B 118 14.88 2.40 9.09
C GLY B 118 14.21 1.05 9.11
N GLY B 119 15.01 0.02 9.38
CA GLY B 119 14.52 -1.34 9.42
C GLY B 119 15.61 -2.36 9.63
N LEU B 120 15.54 -3.47 8.88
CA LEU B 120 16.52 -4.54 9.02
C LEU B 120 17.91 -4.15 8.53
N ASP B 121 18.02 -3.06 7.76
CA ASP B 121 19.32 -2.64 7.24
C ASP B 121 20.22 -2.05 8.31
N ASN B 122 19.70 -1.77 9.50
CA ASN B 122 20.43 -1.20 10.64
C ASN B 122 20.92 0.22 10.35
N ILE B 123 20.51 0.83 9.24
CA ILE B 123 20.92 2.18 8.88
C ILE B 123 19.69 3.07 8.91
N CYS B 124 19.86 4.29 9.43
CA CYS B 124 18.79 5.28 9.51
C CYS B 124 19.09 6.39 8.50
N SER B 125 18.26 6.47 7.46
CA SER B 125 18.44 7.45 6.40
C SER B 125 17.47 8.61 6.62
N ILE B 126 18.02 9.82 6.68
CA ILE B 126 17.24 11.03 6.87
C ILE B 126 17.06 11.68 5.50
N TYR B 127 15.83 11.70 5.00
CA TYR B 127 15.51 12.26 3.71
C TYR B 127 15.06 13.71 3.86
N ASN B 128 15.56 14.57 2.98
CA ASN B 128 15.21 15.99 2.99
C ASN B 128 14.08 16.25 2.02
N LEU B 129 13.00 16.86 2.51
CA LEU B 129 11.84 17.15 1.68
C LEU B 129 11.89 18.54 1.06
N LYS B 130 12.61 19.47 1.68
CA LYS B 130 12.72 20.85 1.18
C LYS B 130 14.02 21.08 0.43
N THR B 131 14.52 20.07 -0.26
CA THR B 131 15.75 20.22 -1.04
C THR B 131 15.52 21.21 -2.17
N ARG B 132 16.47 22.13 -2.36
CA ARG B 132 16.33 23.15 -3.39
C ARG B 132 16.23 22.54 -4.78
N GLU B 133 16.82 21.35 -4.98
CA GLU B 133 16.74 20.68 -6.27
C GLU B 133 15.37 20.09 -6.55
N GLY B 134 14.46 20.11 -5.58
CA GLY B 134 13.12 19.58 -5.74
C GLY B 134 13.00 18.11 -5.44
N ASN B 135 13.97 17.32 -5.89
CA ASN B 135 13.96 15.88 -5.62
C ASN B 135 14.42 15.59 -4.19
N VAL B 136 13.97 14.46 -3.68
CA VAL B 136 14.33 14.05 -2.33
C VAL B 136 15.73 13.45 -2.34
N ARG B 137 16.58 13.94 -1.44
CA ARG B 137 17.98 13.52 -1.35
C ARG B 137 18.28 13.02 0.05
N VAL B 138 19.18 12.04 0.13
CA VAL B 138 19.60 11.49 1.42
C VAL B 138 20.57 12.48 2.06
N SER B 139 20.09 13.17 3.10
CA SER B 139 20.94 14.14 3.78
C SER B 139 22.03 13.44 4.59
N ARG B 140 21.64 12.48 5.43
CA ARG B 140 22.59 11.76 6.26
C ARG B 140 22.11 10.33 6.44
N GLU B 141 23.00 9.37 6.22
CA GLU B 141 22.73 7.95 6.45
C GLU B 141 23.69 7.46 7.53
N LEU B 142 23.20 7.44 8.77
CA LEU B 142 24.03 7.09 9.92
C LEU B 142 23.88 5.60 10.23
N ALA B 143 24.97 5.02 10.75
CA ALA B 143 25.00 3.61 11.12
C ALA B 143 25.75 3.48 12.44
N GLY B 144 25.78 2.26 12.97
CA GLY B 144 26.43 1.99 14.23
C GLY B 144 25.70 0.97 15.08
N HIS B 145 24.43 0.76 14.77
CA HIS B 145 23.63 -0.23 15.49
C HIS B 145 23.86 -1.63 14.93
N THR B 146 23.88 -2.61 15.82
CA THR B 146 24.07 -4.01 15.45
C THR B 146 22.75 -4.78 15.40
N GLY B 147 21.67 -4.12 15.03
CA GLY B 147 20.37 -4.77 14.95
C GLY B 147 19.40 -3.93 14.16
N TYR B 148 18.25 -4.54 13.87
CA TYR B 148 17.22 -3.86 13.10
C TYR B 148 16.63 -2.70 13.89
N LEU B 149 16.39 -1.59 13.20
CA LEU B 149 15.79 -0.41 13.81
C LEU B 149 14.29 -0.64 14.00
N SER B 150 13.81 -0.45 15.23
CA SER B 150 12.42 -0.71 15.57
C SER B 150 11.56 0.55 15.54
N CYS B 151 12.09 1.69 15.98
CA CYS B 151 11.31 2.91 16.02
C CYS B 151 12.25 4.11 15.98
N CYS B 152 11.76 5.21 15.42
CA CYS B 152 12.53 6.44 15.31
C CYS B 152 11.63 7.63 15.59
N ARG B 153 12.20 8.64 16.24
CA ARG B 153 11.46 9.85 16.58
C ARG B 153 12.41 11.04 16.53
N PHE B 154 11.90 12.17 16.07
CA PHE B 154 12.67 13.40 15.93
C PHE B 154 12.46 14.29 17.14
N LEU B 155 13.56 14.78 17.71
CA LEU B 155 13.51 15.77 18.78
C LEU B 155 13.62 17.18 18.22
N ASP B 156 14.41 17.37 17.17
CA ASP B 156 14.55 18.65 16.51
C ASP B 156 15.07 18.40 15.09
N ASP B 157 15.35 19.48 14.37
CA ASP B 157 15.85 19.37 13.00
C ASP B 157 17.31 18.93 12.93
N ASN B 158 17.95 18.68 14.08
CA ASN B 158 19.35 18.27 14.10
C ASN B 158 19.63 17.09 15.01
N GLN B 159 18.65 16.63 15.79
CA GLN B 159 18.81 15.52 16.71
C GLN B 159 17.69 14.52 16.50
N ILE B 160 18.03 13.23 16.55
CA ILE B 160 17.06 12.16 16.35
C ILE B 160 17.44 10.99 17.27
N VAL B 161 16.43 10.40 17.90
CA VAL B 161 16.61 9.22 18.75
C VAL B 161 16.06 8.02 18.00
N THR B 162 16.78 6.91 18.06
CA THR B 162 16.41 5.70 17.35
C THR B 162 16.62 4.49 18.25
N SER B 163 15.75 3.49 18.07
CA SER B 163 15.83 2.23 18.78
C SER B 163 16.20 1.12 17.81
N SER B 164 16.94 0.13 18.32
CA SER B 164 17.43 -0.97 17.49
C SER B 164 17.24 -2.28 18.24
N GLY B 165 17.27 -3.38 17.47
CA GLY B 165 17.16 -4.70 18.05
C GLY B 165 18.38 -5.15 18.83
N ASP B 166 19.46 -4.36 18.80
CA ASP B 166 20.68 -4.68 19.53
C ASP B 166 20.56 -4.43 21.03
N THR B 167 19.36 -4.11 21.52
CA THR B 167 19.05 -3.92 22.93
C THR B 167 19.53 -2.57 23.47
N THR B 168 20.20 -1.76 22.65
CA THR B 168 20.72 -0.47 23.09
C THR B 168 20.14 0.64 22.22
N CYS B 169 19.88 1.78 22.86
CA CYS B 169 19.42 2.98 22.18
C CYS B 169 20.54 4.02 22.15
N ALA B 170 20.40 4.97 21.22
CA ALA B 170 21.42 6.01 21.05
C ALA B 170 20.76 7.27 20.52
N LEU B 171 21.29 8.41 20.94
CA LEU B 171 20.87 9.71 20.44
C LEU B 171 21.86 10.18 19.39
N TRP B 172 21.34 10.54 18.21
CA TRP B 172 22.18 10.87 17.06
C TRP B 172 22.16 12.37 16.78
N ASP B 173 23.28 12.86 16.29
CA ASP B 173 23.41 14.24 15.83
C ASP B 173 23.56 14.21 14.31
N ILE B 174 22.60 14.81 13.60
CA ILE B 174 22.54 14.67 12.15
C ILE B 174 23.73 15.35 11.49
N GLU B 175 24.01 16.60 11.90
CA GLU B 175 25.01 17.39 11.18
C GLU B 175 26.37 16.70 11.17
N THR B 176 26.64 15.83 12.13
CA THR B 176 27.90 15.10 12.19
C THR B 176 27.75 13.60 11.98
N GLY B 177 26.64 13.01 12.41
CA GLY B 177 26.42 11.59 12.22
C GLY B 177 27.15 10.71 13.21
N GLN B 178 27.08 11.04 14.50
CA GLN B 178 27.71 10.25 15.54
C GLN B 178 26.79 10.16 16.75
N GLN B 179 26.94 9.08 17.51
CA GLN B 179 26.13 8.88 18.71
C GLN B 179 26.55 9.86 19.78
N THR B 180 25.64 10.78 20.15
CA THR B 180 25.96 11.72 21.21
C THR B 180 25.98 11.05 22.57
N THR B 181 24.98 10.20 22.84
CA THR B 181 24.90 9.48 24.10
C THR B 181 24.29 8.11 23.84
N THR B 182 24.86 7.09 24.48
CA THR B 182 24.38 5.72 24.35
C THR B 182 23.83 5.25 25.69
N PHE B 183 22.65 4.66 25.67
CA PHE B 183 22.00 4.20 26.89
C PHE B 183 22.45 2.79 27.24
N THR B 184 22.29 2.45 28.52
CA THR B 184 22.70 1.13 29.00
C THR B 184 22.00 0.03 28.22
N GLY B 185 20.69 0.16 28.02
CA GLY B 185 19.94 -0.81 27.27
C GLY B 185 19.10 -1.70 28.18
N HIS B 186 18.04 -2.26 27.60
CA HIS B 186 17.16 -3.18 28.32
C HIS B 186 17.79 -4.56 28.35
N THR B 187 17.01 -5.56 28.73
CA THR B 187 17.43 -6.96 28.66
C THR B 187 16.92 -7.66 27.41
N GLY B 188 16.38 -6.91 26.45
CA GLY B 188 15.87 -7.49 25.22
C GLY B 188 15.77 -6.44 24.14
N ASP B 189 15.43 -6.89 22.94
CA ASP B 189 15.34 -6.00 21.79
C ASP B 189 14.30 -4.92 22.03
N VAL B 190 14.65 -3.68 21.73
CA VAL B 190 13.73 -2.56 21.84
C VAL B 190 12.76 -2.60 20.67
N MET B 191 11.53 -2.15 20.92
CA MET B 191 10.46 -2.26 19.93
C MET B 191 9.79 -0.94 19.60
N SER B 192 9.66 -0.02 20.56
CA SER B 192 8.91 1.21 20.35
C SER B 192 9.55 2.36 21.12
N LEU B 193 9.26 3.58 20.66
CA LEU B 193 9.73 4.80 21.31
C LEU B 193 8.58 5.79 21.40
N SER B 194 8.68 6.71 22.36
CA SER B 194 7.66 7.74 22.55
C SER B 194 8.30 8.93 23.24
N LEU B 195 8.33 10.07 22.56
CA LEU B 195 8.91 11.28 23.13
C LEU B 195 7.87 12.02 23.95
N ALA B 196 8.31 12.55 25.09
CA ALA B 196 7.42 13.33 25.94
C ALA B 196 7.20 14.71 25.34
N PRO B 197 6.08 15.38 25.67
CA PRO B 197 5.85 16.72 25.13
C PRO B 197 6.91 17.73 25.53
N ASP B 198 7.65 17.48 26.61
CA ASP B 198 8.69 18.40 27.06
C ASP B 198 10.01 18.21 26.32
N THR B 199 10.17 17.11 25.58
CA THR B 199 11.36 16.80 24.80
C THR B 199 12.55 16.41 25.67
N ARG B 200 12.39 16.40 27.00
CA ARG B 200 13.48 16.04 27.90
C ARG B 200 13.46 14.59 28.33
N LEU B 201 12.30 13.94 28.30
CA LEU B 201 12.16 12.55 28.72
C LEU B 201 11.46 11.75 27.62
N PHE B 202 11.74 10.46 27.60
CA PHE B 202 11.09 9.54 26.66
C PHE B 202 11.20 8.13 27.21
N VAL B 203 10.16 7.34 26.98
CA VAL B 203 10.08 5.96 27.47
C VAL B 203 10.15 5.02 26.28
N SER B 204 10.86 3.91 26.46
CA SER B 204 11.04 2.91 25.42
C SER B 204 10.65 1.54 25.96
N GLY B 205 10.03 0.73 25.10
CA GLY B 205 9.62 -0.62 25.45
C GLY B 205 10.50 -1.64 24.77
N ALA B 206 10.68 -2.79 25.42
CA ALA B 206 11.53 -3.86 24.92
C ALA B 206 10.77 -5.18 25.00
N CYS B 207 11.37 -6.20 24.39
CA CYS B 207 10.76 -7.53 24.36
C CYS B 207 10.77 -8.22 25.72
N ASP B 208 11.49 -7.69 26.69
CA ASP B 208 11.58 -8.30 28.02
C ASP B 208 10.42 -7.91 28.93
N ALA B 209 9.34 -7.35 28.38
CA ALA B 209 8.13 -6.96 29.11
C ALA B 209 8.38 -5.81 30.08
N SER B 210 9.46 -5.07 29.92
CA SER B 210 9.80 -3.97 30.81
C SER B 210 9.82 -2.66 30.05
N ALA B 211 9.55 -1.57 30.77
CA ALA B 211 9.61 -0.22 30.22
C ALA B 211 10.49 0.65 31.13
N LYS B 212 11.36 1.43 30.52
CA LYS B 212 12.31 2.28 31.24
C LYS B 212 12.14 3.72 30.78
N LEU B 213 12.13 4.65 31.74
CA LEU B 213 12.07 6.08 31.44
C LEU B 213 13.49 6.59 31.24
N TRP B 214 13.74 7.18 30.07
CA TRP B 214 15.06 7.65 29.70
C TRP B 214 15.08 9.17 29.61
N ASP B 215 16.22 9.76 29.97
CA ASP B 215 16.42 11.20 29.89
C ASP B 215 17.30 11.50 28.68
N VAL B 216 16.95 12.54 27.94
CA VAL B 216 17.67 12.87 26.72
C VAL B 216 19.09 13.32 27.04
N ARG B 217 19.22 14.29 27.94
CA ARG B 217 20.54 14.83 28.25
C ARG B 217 21.39 13.81 28.99
N GLU B 218 20.89 13.31 30.13
CA GLU B 218 21.61 12.30 30.92
C GLU B 218 21.26 10.93 30.39
N GLY B 219 22.25 10.20 29.88
CA GLY B 219 22.04 8.88 29.34
C GLY B 219 21.90 7.82 30.43
N MET B 220 20.82 7.91 31.21
CA MET B 220 20.58 6.95 32.27
C MET B 220 19.08 6.72 32.40
N CYS B 221 18.73 5.61 33.04
CA CYS B 221 17.35 5.23 33.28
C CYS B 221 16.93 5.70 34.68
N ARG B 222 15.86 6.49 34.73
CA ARG B 222 15.37 7.03 36.00
C ARG B 222 14.31 6.15 36.63
N GLN B 223 13.52 5.45 35.83
CA GLN B 223 12.47 4.58 36.34
C GLN B 223 12.35 3.35 35.44
N THR B 224 11.95 2.24 36.04
CA THR B 224 11.74 0.99 35.32
C THR B 224 10.41 0.39 35.73
N PHE B 225 9.69 -0.15 34.75
CA PHE B 225 8.38 -0.76 34.96
C PHE B 225 8.40 -2.21 34.46
N THR B 226 7.75 -3.10 35.22
CA THR B 226 7.69 -4.50 34.86
C THR B 226 6.28 -5.07 35.04
N GLY B 227 5.26 -4.31 34.65
CA GLY B 227 3.89 -4.75 34.83
C GLY B 227 3.36 -5.70 33.77
N HIS B 228 4.03 -5.77 32.61
CA HIS B 228 3.57 -6.64 31.54
C HIS B 228 4.07 -8.07 31.75
N GLU B 229 3.47 -8.99 31.01
CA GLU B 229 3.82 -10.41 31.08
C GLU B 229 4.33 -10.95 29.76
N SER B 230 4.58 -10.09 28.77
CA SER B 230 5.06 -10.53 27.47
C SER B 230 5.74 -9.33 26.78
N ASP B 231 6.12 -9.52 25.53
CA ASP B 231 6.82 -8.48 24.79
C ASP B 231 5.92 -7.27 24.61
N ILE B 232 6.48 -6.08 24.83
CA ILE B 232 5.77 -4.83 24.64
C ILE B 232 6.00 -4.37 23.21
N ASN B 233 4.92 -4.34 22.42
CA ASN B 233 5.02 -3.97 21.01
C ASN B 233 4.60 -2.53 20.73
N ALA B 234 3.97 -1.86 21.68
CA ALA B 234 3.50 -0.50 21.49
C ALA B 234 3.64 0.29 22.78
N ILE B 235 3.88 1.59 22.64
CA ILE B 235 4.02 2.48 23.78
C ILE B 235 3.73 3.90 23.32
N CYS B 236 3.04 4.67 24.17
CA CYS B 236 2.67 6.03 23.85
C CYS B 236 2.59 6.85 25.12
N PHE B 237 3.10 8.08 25.07
CA PHE B 237 3.09 8.97 26.22
C PHE B 237 1.72 9.64 26.37
N PHE B 238 1.35 9.88 27.62
CA PHE B 238 0.10 10.59 27.88
C PHE B 238 0.23 12.05 27.46
N PRO B 239 -0.85 12.66 26.96
CA PRO B 239 -0.75 14.05 26.49
C PRO B 239 -0.11 15.01 27.49
N ASN B 240 -0.16 14.71 28.79
CA ASN B 240 0.44 15.58 29.80
C ASN B 240 1.89 15.22 30.10
N GLY B 241 2.38 14.08 29.62
CA GLY B 241 3.74 13.67 29.88
C GLY B 241 3.97 13.06 31.23
N ASN B 242 2.92 12.77 32.00
CA ASN B 242 3.05 12.18 33.32
C ASN B 242 2.82 10.68 33.34
N ALA B 243 2.20 10.13 32.29
CA ALA B 243 1.90 8.71 32.23
C ALA B 243 2.09 8.22 30.80
N PHE B 244 1.98 6.90 30.62
CA PHE B 244 2.12 6.30 29.31
C PHE B 244 1.47 4.91 29.34
N ALA B 245 0.94 4.51 28.19
CA ALA B 245 0.33 3.19 28.02
C ALA B 245 1.25 2.32 27.17
N THR B 246 1.29 1.03 27.50
CA THR B 246 2.15 0.07 26.82
C THR B 246 1.31 -1.07 26.28
N GLY B 247 1.47 -1.38 25.00
CA GLY B 247 0.79 -2.49 24.36
C GLY B 247 1.71 -3.69 24.23
N SER B 248 1.18 -4.87 24.52
CA SER B 248 1.96 -6.10 24.51
C SER B 248 1.18 -7.18 23.77
N ASP B 249 1.86 -8.30 23.51
CA ASP B 249 1.25 -9.42 22.81
C ASP B 249 0.31 -10.24 23.69
N ASP B 250 0.17 -9.88 24.96
CA ASP B 250 -0.70 -10.60 25.88
C ASP B 250 -2.17 -10.18 25.75
N ALA B 251 -2.51 -9.44 24.71
CA ALA B 251 -3.88 -8.98 24.48
C ALA B 251 -4.37 -8.06 25.59
N THR B 252 -3.45 -7.39 26.28
CA THR B 252 -3.80 -6.49 27.37
C THR B 252 -2.94 -5.23 27.28
N CYS B 253 -3.57 -4.08 27.53
CA CYS B 253 -2.88 -2.80 27.54
C CYS B 253 -2.89 -2.25 28.96
N ARG B 254 -1.73 -1.78 29.42
CA ARG B 254 -1.56 -1.29 30.79
C ARG B 254 -1.14 0.17 30.76
N LEU B 255 -1.71 0.96 31.67
CA LEU B 255 -1.40 2.38 31.78
C LEU B 255 -0.45 2.57 32.96
N PHE B 256 0.74 3.09 32.68
CA PHE B 256 1.76 3.33 33.69
C PHE B 256 1.91 4.83 33.90
N ASP B 257 1.91 5.26 35.15
CA ASP B 257 2.07 6.66 35.53
C ASP B 257 3.45 6.86 36.13
N LEU B 258 4.14 7.91 35.68
CA LEU B 258 5.49 8.19 36.16
C LEU B 258 5.47 8.74 37.58
N ARG B 259 4.56 9.68 37.86
CA ARG B 259 4.49 10.26 39.20
C ARG B 259 4.09 9.22 40.23
N ALA B 260 3.13 8.36 39.90
CA ALA B 260 2.76 7.28 40.81
C ALA B 260 3.76 6.13 40.76
N ASP B 261 4.38 5.90 39.61
CA ASP B 261 5.39 4.86 39.45
C ASP B 261 4.79 3.47 39.68
N GLN B 262 3.69 3.19 38.99
CA GLN B 262 3.04 1.88 39.07
C GLN B 262 1.89 1.87 38.09
N GLU B 263 1.42 0.67 37.78
CA GLU B 263 0.31 0.49 36.85
C GLU B 263 -0.99 0.92 37.52
N LEU B 264 -1.78 1.74 36.81
CA LEU B 264 -3.04 2.24 37.34
C LEU B 264 -4.26 1.54 36.75
N MET B 265 -4.20 1.10 35.50
CA MET B 265 -5.34 0.45 34.87
C MET B 265 -4.83 -0.53 33.82
N THR B 266 -5.55 -1.64 33.68
CA THR B 266 -5.23 -2.68 32.71
C THR B 266 -6.44 -2.87 31.80
N TYR B 267 -6.29 -2.52 30.53
CA TYR B 267 -7.37 -2.62 29.55
C TYR B 267 -7.31 -3.99 28.90
N SER B 268 -8.28 -4.85 29.19
CA SER B 268 -8.31 -6.20 28.66
C SER B 268 -9.75 -6.70 28.64
N HIS B 269 -10.00 -7.65 27.74
CA HIS B 269 -11.31 -8.27 27.61
C HIS B 269 -11.15 -9.75 27.35
N ASP B 270 -12.10 -10.53 27.84
CA ASP B 270 -12.01 -11.99 27.69
C ASP B 270 -12.10 -12.40 26.22
N ASN B 271 -12.90 -11.70 25.42
CA ASN B 271 -13.08 -12.06 24.02
C ASN B 271 -11.88 -11.68 23.15
N ILE B 272 -10.90 -10.97 23.70
CA ILE B 272 -9.72 -10.55 22.95
C ILE B 272 -8.57 -11.46 23.35
N ILE B 273 -7.94 -12.10 22.35
CA ILE B 273 -6.81 -12.99 22.58
C ILE B 273 -5.63 -12.55 21.72
N CYS B 274 -5.88 -11.67 20.74
CA CYS B 274 -4.82 -11.20 19.87
C CYS B 274 -4.01 -10.10 20.56
N GLY B 275 -2.75 -9.98 20.15
CA GLY B 275 -1.87 -9.01 20.76
C GLY B 275 -2.06 -7.61 20.20
N ILE B 276 -1.53 -6.64 20.95
CA ILE B 276 -1.60 -5.23 20.55
C ILE B 276 -0.36 -4.89 19.75
N THR B 277 -0.55 -4.13 18.67
CA THR B 277 0.55 -3.72 17.80
C THR B 277 0.84 -2.23 17.85
N SER B 278 -0.16 -1.40 18.17
CA SER B 278 0.04 0.04 18.25
C SER B 278 -0.94 0.61 19.26
N VAL B 279 -0.53 1.70 19.90
CA VAL B 279 -1.35 2.39 20.90
C VAL B 279 -1.19 3.88 20.71
N SER B 280 -2.26 4.63 20.96
CA SER B 280 -2.24 6.08 20.81
C SER B 280 -3.30 6.68 21.71
N PHE B 281 -3.06 7.92 22.15
CA PHE B 281 -3.97 8.65 23.01
C PHE B 281 -4.58 9.81 22.24
N SER B 282 -5.81 10.16 22.61
CA SER B 282 -6.46 11.34 22.05
C SER B 282 -5.95 12.60 22.72
N LYS B 283 -6.32 13.74 22.15
CA LYS B 283 -5.82 15.02 22.67
C LYS B 283 -6.23 15.23 24.13
N SER B 284 -7.41 14.75 24.51
CA SER B 284 -7.87 14.91 25.89
C SER B 284 -7.35 13.79 26.78
N GLY B 285 -7.14 12.60 26.24
CA GLY B 285 -6.68 11.46 27.00
C GLY B 285 -7.76 10.49 27.41
N ARG B 286 -9.03 10.85 27.25
CA ARG B 286 -10.11 9.94 27.63
C ARG B 286 -10.19 8.73 26.72
N LEU B 287 -9.85 8.89 25.45
CA LEU B 287 -9.96 7.82 24.46
C LEU B 287 -8.59 7.21 24.22
N LEU B 288 -8.49 5.90 24.48
CA LEU B 288 -7.27 5.14 24.22
C LEU B 288 -7.52 4.25 23.01
N LEU B 289 -6.74 4.47 21.95
CA LEU B 289 -6.88 3.74 20.70
C LEU B 289 -5.73 2.76 20.57
N ALA B 290 -6.03 1.47 20.59
CA ALA B 290 -5.03 0.41 20.50
C ALA B 290 -5.37 -0.52 19.35
N GLY B 291 -4.37 -0.84 18.53
CA GLY B 291 -4.57 -1.74 17.41
C GLY B 291 -4.25 -3.17 17.80
N TYR B 292 -5.18 -4.07 17.49
CA TYR B 292 -5.05 -5.48 17.83
C TYR B 292 -4.80 -6.30 16.57
N ASP B 293 -4.21 -7.48 16.76
CA ASP B 293 -3.93 -8.39 15.66
C ASP B 293 -5.18 -9.09 15.14
N ASP B 294 -6.35 -8.83 15.73
CA ASP B 294 -7.60 -9.43 15.28
C ASP B 294 -8.22 -8.70 14.09
N PHE B 295 -7.44 -7.89 13.39
CA PHE B 295 -7.87 -7.13 12.22
C PHE B 295 -8.81 -5.98 12.59
N ASN B 296 -8.92 -5.64 13.87
CA ASN B 296 -9.82 -4.59 14.33
C ASN B 296 -9.11 -3.74 15.38
N CYS B 297 -9.45 -2.46 15.40
CA CYS B 297 -8.91 -1.51 16.36
C CYS B 297 -10.02 -1.10 17.31
N ASN B 298 -9.79 -1.28 18.61
CA ASN B 298 -10.78 -0.99 19.63
C ASN B 298 -10.38 0.27 20.41
N VAL B 299 -11.38 1.08 20.74
CA VAL B 299 -11.19 2.30 21.52
C VAL B 299 -11.55 2.00 22.97
N TRP B 300 -10.68 2.41 23.88
CA TRP B 300 -10.85 2.16 25.31
C TRP B 300 -10.91 3.48 26.07
N ASP B 301 -11.74 3.52 27.11
CA ASP B 301 -11.85 4.69 27.97
C ASP B 301 -10.70 4.66 28.98
N ALA B 302 -9.83 5.67 28.91
CA ALA B 302 -8.66 5.69 29.79
C ALA B 302 -9.06 5.64 31.26
N LEU B 303 -10.18 6.27 31.62
CA LEU B 303 -10.60 6.33 33.02
C LEU B 303 -11.53 5.18 33.38
N LYS B 304 -12.50 4.87 32.53
CA LYS B 304 -13.46 3.80 32.80
C LYS B 304 -12.99 2.43 32.33
N ALA B 305 -11.96 2.37 31.48
CA ALA B 305 -11.43 1.13 30.94
C ALA B 305 -12.45 0.34 30.14
N ASP B 306 -13.58 0.96 29.77
CA ASP B 306 -14.61 0.29 29.00
C ASP B 306 -14.44 0.60 27.52
N ARG B 307 -14.80 -0.37 26.68
CA ARG B 307 -14.68 -0.19 25.24
C ARG B 307 -15.72 0.80 24.75
N ALA B 308 -15.27 1.85 24.07
CA ALA B 308 -16.16 2.88 23.56
C ALA B 308 -16.50 2.71 22.08
N GLY B 309 -15.81 1.83 21.38
CA GLY B 309 -16.09 1.63 19.97
C GLY B 309 -15.08 0.68 19.37
N VAL B 310 -15.32 0.33 18.10
CA VAL B 310 -14.45 -0.58 17.35
C VAL B 310 -14.32 -0.06 15.93
N LEU B 311 -13.10 -0.05 15.42
CA LEU B 311 -12.78 0.39 14.06
C LEU B 311 -12.38 -0.84 13.26
N ALA B 312 -13.37 -1.51 12.67
CA ALA B 312 -13.16 -2.74 11.91
C ALA B 312 -13.13 -2.50 10.41
N GLY B 313 -12.58 -1.37 9.97
CA GLY B 313 -12.53 -1.06 8.56
C GLY B 313 -11.28 -1.57 7.88
N HIS B 314 -10.71 -2.65 8.41
CA HIS B 314 -9.51 -3.26 7.86
C HIS B 314 -9.74 -4.74 7.63
N ASP B 315 -8.93 -5.31 6.73
CA ASP B 315 -9.00 -6.73 6.40
C ASP B 315 -7.72 -7.48 6.74
N ASN B 316 -6.79 -6.85 7.45
CA ASN B 316 -5.54 -7.49 7.82
C ASN B 316 -5.06 -6.90 9.14
N ARG B 317 -3.89 -7.35 9.60
CA ARG B 317 -3.33 -6.91 10.87
C ARG B 317 -3.13 -5.40 10.89
N VAL B 318 -3.79 -4.71 11.82
CA VAL B 318 -3.55 -3.28 12.02
C VAL B 318 -2.16 -3.13 12.62
N SER B 319 -1.21 -2.62 11.84
CA SER B 319 0.19 -2.55 12.26
C SER B 319 0.59 -1.20 12.84
N CYS B 320 -0.11 -0.13 12.50
CA CYS B 320 0.25 1.20 12.95
C CYS B 320 -0.97 2.10 12.95
N LEU B 321 -1.01 3.03 13.89
CA LEU B 321 -2.10 3.99 14.00
C LEU B 321 -1.61 5.19 14.78
N GLY B 322 -2.11 6.37 14.42
CA GLY B 322 -1.72 7.59 15.08
C GLY B 322 -2.78 8.67 15.03
N VAL B 323 -2.95 9.40 16.13
CA VAL B 323 -3.94 10.46 16.23
C VAL B 323 -3.25 11.79 15.98
N THR B 324 -3.92 12.68 15.26
CA THR B 324 -3.37 13.99 14.96
C THR B 324 -3.14 14.78 16.24
N ASP B 325 -2.26 15.78 16.16
CA ASP B 325 -1.99 16.63 17.32
C ASP B 325 -3.24 17.37 17.76
N ASP B 326 -4.14 17.68 16.84
CA ASP B 326 -5.38 18.38 17.16
C ASP B 326 -6.54 17.43 17.42
N GLY B 327 -6.37 16.13 17.20
CA GLY B 327 -7.44 15.19 17.46
C GLY B 327 -8.61 15.30 16.49
N MET B 328 -8.38 15.79 15.28
CA MET B 328 -9.45 15.89 14.29
C MET B 328 -9.78 14.55 13.67
N ALA B 329 -8.76 13.77 13.29
CA ALA B 329 -8.97 12.50 12.64
C ALA B 329 -7.93 11.50 13.12
N VAL B 330 -8.23 10.22 12.94
CA VAL B 330 -7.35 9.13 13.33
C VAL B 330 -7.01 8.32 12.09
N ALA B 331 -5.72 8.05 11.90
CA ALA B 331 -5.24 7.23 10.79
C ALA B 331 -4.83 5.86 11.31
N THR B 332 -5.34 4.81 10.65
CA THR B 332 -5.05 3.43 11.02
C THR B 332 -4.46 2.71 9.81
N GLY B 333 -3.26 2.18 9.98
CA GLY B 333 -2.57 1.45 8.93
C GLY B 333 -2.55 -0.04 9.21
N SER B 334 -2.63 -0.83 8.14
CA SER B 334 -2.67 -2.28 8.26
C SER B 334 -1.85 -2.89 7.13
N TRP B 335 -1.59 -4.20 7.25
CA TRP B 335 -0.85 -4.92 6.23
C TRP B 335 -1.63 -5.06 4.93
N ASP B 336 -2.91 -4.72 4.91
CA ASP B 336 -3.71 -4.80 3.69
C ASP B 336 -3.38 -3.71 2.68
N SER B 337 -2.39 -2.87 2.95
CA SER B 337 -1.90 -1.82 2.06
C SER B 337 -2.85 -0.63 1.98
N PHE B 338 -3.88 -0.59 2.82
CA PHE B 338 -4.82 0.53 2.86
C PHE B 338 -4.67 1.29 4.17
N LEU B 339 -4.58 2.61 4.07
CA LEU B 339 -4.49 3.49 5.22
C LEU B 339 -5.72 4.37 5.25
N LYS B 340 -6.62 4.10 6.20
CA LYS B 340 -7.91 4.79 6.28
C LYS B 340 -7.85 5.83 7.39
N ILE B 341 -8.42 7.00 7.12
CA ILE B 341 -8.47 8.11 8.07
C ILE B 341 -9.87 8.15 8.66
N TRP B 342 -9.99 7.80 9.94
CA TRP B 342 -11.27 7.77 10.62
C TRP B 342 -11.64 9.16 11.14
N ASN B 343 -12.80 9.27 11.76
CA ASN B 343 -13.27 10.54 12.31
C ASN B 343 -12.38 10.99 13.46
N VAL C 1 21.36 24.93 -9.64
CA VAL C 1 20.12 25.38 -10.34
C VAL C 1 20.44 26.54 -11.28
N GLN C 2 20.15 26.35 -12.56
CA GLN C 2 20.40 27.38 -13.56
C GLN C 2 19.41 27.19 -14.71
N LEU C 3 18.94 28.31 -15.26
CA LEU C 3 18.03 28.32 -16.41
C LEU C 3 18.59 29.29 -17.43
N VAL C 4 19.35 28.79 -18.39
CA VAL C 4 19.97 29.60 -19.43
C VAL C 4 19.11 29.51 -20.68
N GLU C 5 18.60 30.64 -21.15
CA GLU C 5 17.77 30.70 -22.34
C GLU C 5 18.62 31.06 -23.55
N SER C 6 18.07 30.74 -24.73
CA SER C 6 18.76 31.01 -25.99
C SER C 6 17.73 31.05 -27.10
N GLY C 7 18.16 31.56 -28.26
CA GLY C 7 17.31 31.68 -29.42
C GLY C 7 16.88 33.09 -29.76
N GLY C 8 17.22 34.07 -28.94
CA GLY C 8 16.84 35.44 -29.20
C GLY C 8 17.58 36.03 -30.38
N GLY C 9 17.22 37.27 -30.70
CA GLY C 9 17.81 38.00 -31.80
C GLY C 9 16.75 38.81 -32.52
N LEU C 10 17.09 39.24 -33.73
CA LEU C 10 16.18 40.03 -34.56
C LEU C 10 15.41 39.11 -35.49
N VAL C 11 14.12 39.42 -35.67
CA VAL C 11 13.25 38.64 -36.53
C VAL C 11 12.34 39.61 -37.29
N GLN C 12 11.97 39.22 -38.50
CA GLN C 12 11.10 40.03 -39.34
C GLN C 12 9.64 39.68 -39.09
N PRO C 13 8.73 40.57 -39.47
CA PRO C 13 7.30 40.27 -39.27
C PRO C 13 6.87 39.01 -39.98
N GLY C 14 6.01 38.23 -39.32
CA GLY C 14 5.49 37.00 -39.88
C GLY C 14 6.40 35.80 -39.77
N GLY C 15 7.64 35.97 -39.31
CA GLY C 15 8.56 34.87 -39.18
C GLY C 15 8.29 34.03 -37.94
N SER C 16 9.20 33.10 -37.70
CA SER C 16 9.12 32.20 -36.56
C SER C 16 10.49 32.11 -35.88
N ARG C 17 10.50 31.54 -34.69
CA ARG C 17 11.72 31.37 -33.93
C ARG C 17 11.47 30.38 -32.79
N LYS C 18 12.46 29.54 -32.52
CA LYS C 18 12.39 28.52 -31.48
C LYS C 18 13.31 28.93 -30.35
N LEU C 19 12.73 29.41 -29.25
CA LEU C 19 13.49 29.80 -28.07
C LEU C 19 13.70 28.58 -27.18
N SER C 20 14.96 28.23 -26.93
CA SER C 20 15.31 27.08 -26.12
C SER C 20 15.83 27.53 -24.76
N CYS C 21 15.77 26.61 -23.79
CA CYS C 21 16.23 26.88 -22.44
C CYS C 21 16.84 25.61 -21.86
N SER C 22 18.09 25.70 -21.41
CA SER C 22 18.79 24.55 -20.83
C SER C 22 18.62 24.58 -19.32
N ALA C 23 18.10 23.48 -18.76
CA ALA C 23 17.88 23.35 -17.34
C ALA C 23 18.91 22.39 -16.74
N SER C 24 19.36 22.70 -15.53
CA SER C 24 20.34 21.86 -14.85
C SER C 24 20.27 22.14 -13.36
N GLY C 25 20.79 21.20 -12.58
CA GLY C 25 20.82 21.34 -11.13
C GLY C 25 19.53 20.97 -10.44
N PHE C 26 18.60 20.32 -11.11
CA PHE C 26 17.33 19.93 -10.50
C PHE C 26 16.60 19.02 -11.48
N ALA C 27 15.54 18.39 -10.97
CA ALA C 27 14.72 17.49 -11.79
C ALA C 27 13.82 18.33 -12.69
N PHE C 28 14.23 18.51 -13.93
CA PHE C 28 13.46 19.33 -14.86
C PHE C 28 12.04 18.79 -15.03
N SER C 29 11.89 17.47 -15.11
CA SER C 29 10.58 16.88 -15.30
C SER C 29 9.67 17.16 -14.11
N SER C 30 10.23 17.16 -12.90
CA SER C 30 9.43 17.36 -11.70
C SER C 30 8.89 18.78 -11.58
N PHE C 31 9.51 19.75 -12.26
CA PHE C 31 9.11 21.14 -12.19
C PHE C 31 8.36 21.55 -13.45
N GLY C 32 7.23 22.23 -13.27
CA GLY C 32 6.51 22.78 -14.41
C GLY C 32 7.13 24.10 -14.86
N MET C 33 7.19 24.29 -16.16
CA MET C 33 7.82 25.46 -16.76
C MET C 33 6.78 26.51 -17.12
N HIS C 34 7.15 27.78 -16.92
CA HIS C 34 6.27 28.90 -17.22
C HIS C 34 7.05 29.93 -18.02
N TRP C 35 6.55 30.25 -19.22
CA TRP C 35 7.16 31.29 -20.04
C TRP C 35 6.43 32.61 -19.78
N VAL C 36 7.19 33.62 -19.35
CA VAL C 36 6.65 34.93 -19.04
C VAL C 36 7.40 35.97 -19.87
N ARG C 37 6.65 36.84 -20.54
CA ARG C 37 7.22 37.88 -21.37
C ARG C 37 7.21 39.22 -20.63
N GLN C 38 8.14 40.09 -21.01
CA GLN C 38 8.25 41.41 -20.40
C GLN C 38 8.58 42.41 -21.50
N ALA C 39 7.60 43.23 -21.87
CA ALA C 39 7.82 44.25 -22.89
C ALA C 39 8.84 45.27 -22.40
N PRO C 40 9.50 45.97 -23.31
CA PRO C 40 10.52 46.96 -22.89
C PRO C 40 9.91 48.02 -21.98
N GLU C 41 10.63 48.32 -20.90
CA GLU C 41 10.19 49.26 -19.86
C GLU C 41 8.69 49.11 -19.60
N LYS C 42 8.29 47.87 -19.30
CA LYS C 42 6.92 47.56 -18.94
C LYS C 42 6.92 46.38 -17.97
N GLY C 43 5.72 45.97 -17.56
CA GLY C 43 5.58 44.89 -16.61
C GLY C 43 5.61 43.52 -17.26
N LEU C 44 5.44 42.51 -16.41
CA LEU C 44 5.46 41.13 -16.87
C LEU C 44 4.10 40.73 -17.44
N GLU C 45 4.07 39.58 -18.12
CA GLU C 45 2.84 39.06 -18.70
C GLU C 45 3.03 37.58 -18.98
N TRP C 46 2.18 36.75 -18.37
CA TRP C 46 2.25 35.31 -18.60
C TRP C 46 1.95 35.00 -20.06
N VAL C 47 2.61 33.95 -20.57
CA VAL C 47 2.50 33.57 -21.97
C VAL C 47 1.88 32.18 -22.08
N ALA C 48 2.56 31.19 -21.53
CA ALA C 48 2.11 29.81 -21.64
C ALA C 48 2.53 29.03 -20.40
N TYR C 49 2.01 27.82 -20.28
CA TYR C 49 2.32 26.95 -19.15
C TYR C 49 2.25 25.49 -19.60
N ILE C 50 3.22 24.71 -19.14
CA ILE C 50 3.29 23.28 -19.43
C ILE C 50 3.53 22.54 -18.11
N SER C 51 2.69 21.56 -17.82
CA SER C 51 2.79 20.81 -16.58
C SER C 51 3.82 19.70 -16.71
N SER C 52 4.01 18.94 -15.63
CA SER C 52 4.96 17.85 -15.63
C SER C 52 4.49 16.74 -16.57
N GLY C 53 5.43 16.16 -17.31
CA GLY C 53 5.11 15.09 -18.23
C GLY C 53 4.23 15.50 -19.39
N SER C 54 4.09 16.80 -19.66
CA SER C 54 3.27 17.30 -20.76
C SER C 54 1.82 16.83 -20.63
N GLY C 55 1.35 16.64 -19.39
CA GLY C 55 -0.02 16.20 -19.18
C GLY C 55 -1.05 17.29 -19.30
N THR C 56 -0.64 18.56 -19.18
CA THR C 56 -1.56 19.68 -19.27
C THR C 56 -0.80 20.89 -19.80
N ILE C 57 -1.45 21.64 -20.70
CA ILE C 57 -0.84 22.82 -21.31
C ILE C 57 -1.89 23.92 -21.37
N TYR C 58 -1.45 25.16 -21.12
CA TYR C 58 -2.32 26.32 -21.17
C TYR C 58 -1.59 27.47 -21.84
N TYR C 59 -2.37 28.32 -22.51
CA TYR C 59 -1.82 29.50 -23.17
C TYR C 59 -2.72 30.70 -22.86
N ALA C 60 -2.15 31.89 -23.01
CA ALA C 60 -2.90 33.12 -22.79
C ALA C 60 -3.82 33.39 -23.97
N ASP C 61 -5.00 33.95 -23.68
CA ASP C 61 -5.98 34.20 -24.73
C ASP C 61 -5.40 35.08 -25.83
N THR C 62 -4.38 35.89 -25.52
CA THR C 62 -3.78 36.75 -26.52
C THR C 62 -2.79 36.00 -27.40
N VAL C 63 -2.21 34.91 -26.91
CA VAL C 63 -1.19 34.15 -27.63
C VAL C 63 -1.69 32.79 -28.07
N LYS C 64 -2.94 32.44 -27.78
CA LYS C 64 -3.46 31.15 -28.21
C LYS C 64 -3.40 31.02 -29.72
N GLY C 65 -2.96 29.86 -30.20
CA GLY C 65 -2.84 29.57 -31.61
C GLY C 65 -1.50 29.94 -32.22
N ARG C 66 -0.85 30.98 -31.72
CA ARG C 66 0.43 31.41 -32.28
C ARG C 66 1.59 30.64 -31.65
N PHE C 67 1.70 30.68 -30.33
CA PHE C 67 2.80 30.05 -29.62
C PHE C 67 2.41 28.65 -29.16
N THR C 68 3.38 27.75 -29.17
CA THR C 68 3.19 26.38 -28.69
C THR C 68 4.41 25.97 -27.89
N ILE C 69 4.19 25.39 -26.71
CA ILE C 69 5.27 25.04 -25.80
C ILE C 69 5.44 23.52 -25.80
N SER C 70 6.71 23.10 -25.67
CA SER C 70 7.05 21.69 -25.60
C SER C 70 8.30 21.53 -24.76
N ARG C 71 8.41 20.38 -24.10
CA ARG C 71 9.52 20.09 -23.20
C ARG C 71 10.04 18.69 -23.47
N ASP C 72 11.37 18.57 -23.56
CA ASP C 72 12.03 17.29 -23.78
C ASP C 72 12.67 16.86 -22.47
N ASP C 73 12.03 15.91 -21.79
CA ASP C 73 12.49 15.43 -20.49
C ASP C 73 13.83 14.71 -20.60
N PRO C 74 14.03 13.85 -21.60
CA PRO C 74 15.31 13.11 -21.68
C PRO C 74 16.54 13.99 -21.63
N LYS C 75 16.50 15.17 -22.27
CA LYS C 75 17.64 16.07 -22.29
C LYS C 75 17.51 17.23 -21.31
N ASN C 76 16.40 17.32 -20.58
CA ASN C 76 16.17 18.40 -19.63
C ASN C 76 16.28 19.76 -20.31
N THR C 77 15.48 19.92 -21.36
CA THR C 77 15.48 21.13 -22.17
C THR C 77 14.05 21.53 -22.49
N LEU C 78 13.83 22.84 -22.61
CA LEU C 78 12.52 23.40 -22.91
C LEU C 78 12.59 24.14 -24.24
N PHE C 79 11.49 24.08 -25.00
CA PHE C 79 11.41 24.72 -26.31
C PHE C 79 10.08 25.43 -26.44
N LEU C 80 10.10 26.59 -27.11
CA LEU C 80 8.90 27.39 -27.35
C LEU C 80 8.91 27.81 -28.82
N GLN C 81 8.06 27.17 -29.61
CA GLN C 81 7.96 27.46 -31.04
C GLN C 81 6.91 28.55 -31.25
N MET C 82 7.33 29.68 -31.81
CA MET C 82 6.46 30.81 -32.07
C MET C 82 6.09 30.87 -33.55
N THR C 83 4.83 31.19 -33.82
CA THR C 83 4.31 31.30 -35.18
C THR C 83 3.58 32.61 -35.35
N SER C 84 3.66 33.18 -36.55
CA SER C 84 3.02 34.45 -36.88
C SER C 84 3.45 35.54 -35.90
N LEU C 85 4.75 35.78 -35.86
CA LEU C 85 5.31 36.78 -34.98
C LEU C 85 4.84 38.17 -35.39
N ARG C 86 4.24 38.90 -34.45
CA ARG C 86 3.75 40.25 -34.68
C ARG C 86 4.75 41.27 -34.17
N SER C 87 4.57 42.52 -34.60
CA SER C 87 5.48 43.59 -34.19
C SER C 87 5.44 43.79 -32.69
N GLU C 88 4.28 43.57 -32.05
CA GLU C 88 4.16 43.74 -30.61
C GLU C 88 4.94 42.70 -29.82
N ASP C 89 5.40 41.63 -30.46
CA ASP C 89 6.10 40.56 -29.75
C ASP C 89 7.45 41.00 -29.19
N THR C 90 7.91 42.20 -29.50
CA THR C 90 9.18 42.68 -28.96
C THR C 90 9.12 42.69 -27.44
N ALA C 91 9.89 41.80 -26.81
CA ALA C 91 9.90 41.68 -25.36
C ALA C 91 10.98 40.66 -24.99
N MET C 92 11.24 40.56 -23.68
CA MET C 92 12.22 39.63 -23.14
C MET C 92 11.47 38.51 -22.42
N TYR C 93 11.64 37.29 -22.90
CA TYR C 93 10.94 36.13 -22.36
C TYR C 93 11.77 35.49 -21.25
N TYR C 94 11.09 35.03 -20.20
CA TYR C 94 11.73 34.40 -19.06
C TYR C 94 11.08 33.04 -18.81
N CYS C 95 11.91 32.07 -18.43
CA CYS C 95 11.46 30.72 -18.10
C CYS C 95 11.55 30.53 -16.60
N VAL C 96 10.44 30.11 -15.99
CA VAL C 96 10.33 29.97 -14.54
C VAL C 96 9.88 28.55 -14.21
N ARG C 97 10.50 27.97 -13.19
CA ARG C 97 10.11 26.65 -12.70
C ARG C 97 9.13 26.80 -11.54
N SER C 98 8.28 25.78 -11.39
CA SER C 98 7.27 25.80 -10.32
C SER C 98 6.83 24.38 -10.02
N ILE C 99 6.85 24.02 -8.74
CA ILE C 99 6.35 22.73 -8.27
C ILE C 99 5.19 23.02 -7.32
N TYR C 100 4.09 22.29 -7.51
CA TYR C 100 2.84 22.56 -6.81
C TYR C 100 2.54 21.43 -5.84
N TYR C 101 2.42 21.77 -4.56
CA TYR C 101 2.00 20.85 -3.51
C TYR C 101 1.88 21.65 -2.22
N TYR C 102 1.21 21.07 -1.24
CA TYR C 102 1.02 21.75 0.04
C TYR C 102 2.35 22.07 0.68
N GLY C 103 2.62 23.36 0.85
CA GLY C 103 3.87 23.82 1.43
C GLY C 103 4.96 24.13 0.44
N SER C 104 4.64 24.18 -0.86
CA SER C 104 5.64 24.44 -1.89
C SER C 104 5.81 25.95 -2.06
N SER C 105 6.54 26.34 -3.10
CA SER C 105 6.78 27.76 -3.40
C SER C 105 6.88 27.93 -4.91
N PRO C 106 5.74 27.90 -5.61
CA PRO C 106 5.78 28.06 -7.07
C PRO C 106 6.46 29.35 -7.48
N PHE C 107 7.10 29.32 -8.64
CA PHE C 107 7.82 30.47 -9.18
C PHE C 107 8.93 30.90 -8.23
N ASP C 108 9.80 29.95 -7.88
CA ASP C 108 10.87 30.21 -6.93
C ASP C 108 12.17 30.63 -7.60
N PHE C 109 12.45 30.12 -8.80
CA PHE C 109 13.68 30.41 -9.51
C PHE C 109 13.34 30.96 -10.89
N TRP C 110 13.87 32.14 -11.20
CA TRP C 110 13.65 32.80 -12.49
C TRP C 110 14.94 32.76 -13.29
N GLY C 111 14.83 32.34 -14.56
CA GLY C 111 15.98 32.27 -15.42
C GLY C 111 16.44 33.63 -15.90
N GLN C 112 17.58 33.64 -16.59
CA GLN C 112 18.12 34.88 -17.12
C GLN C 112 17.26 35.43 -18.25
N GLY C 113 16.51 34.58 -18.94
CA GLY C 113 15.65 35.02 -20.02
C GLY C 113 16.42 35.28 -21.30
N THR C 114 15.66 35.61 -22.34
CA THR C 114 16.20 35.92 -23.65
C THR C 114 15.41 37.05 -24.27
N THR C 115 16.12 37.93 -24.99
CA THR C 115 15.51 39.08 -25.64
C THR C 115 15.19 38.75 -27.09
N LEU C 116 13.99 39.12 -27.53
CA LEU C 116 13.55 38.89 -28.90
C LEU C 116 12.88 40.16 -29.42
N THR C 117 13.46 40.73 -30.47
CA THR C 117 12.96 41.97 -31.07
C THR C 117 12.46 41.69 -32.48
N VAL C 118 11.42 42.43 -32.87
CA VAL C 118 10.81 42.30 -34.19
C VAL C 118 11.06 43.58 -34.96
N SER C 119 11.22 43.44 -36.27
CA SER C 119 11.47 44.57 -37.15
C SER C 119 12.71 45.34 -36.71
N ALA C 136 -11.31 39.51 -19.15
CA ALA C 136 -12.59 39.18 -18.53
C ALA C 136 -12.38 38.48 -17.19
N ASP C 137 -11.26 37.78 -17.07
CA ASP C 137 -10.93 37.06 -15.84
C ASP C 137 -10.33 38.05 -14.83
N ILE C 138 -9.79 37.52 -13.74
CA ILE C 138 -9.22 38.37 -12.70
C ILE C 138 -8.10 39.21 -13.30
N VAL C 139 -8.05 40.48 -12.89
CA VAL C 139 -7.03 41.41 -13.34
C VAL C 139 -6.44 42.11 -12.12
N MET C 140 -5.12 42.28 -12.13
CA MET C 140 -4.40 42.91 -11.02
C MET C 140 -4.11 44.36 -11.39
N THR C 141 -4.65 45.28 -10.58
CA THR C 141 -4.46 46.71 -10.79
C THR C 141 -3.86 47.31 -9.53
N GLN C 142 -2.68 47.93 -9.67
CA GLN C 142 -1.99 48.56 -8.55
C GLN C 142 -2.23 50.06 -8.59
N ALA C 143 -2.66 50.61 -7.45
CA ALA C 143 -2.93 52.05 -7.39
C ALA C 143 -1.67 52.88 -7.37
N THR C 144 -0.55 52.31 -6.92
CA THR C 144 0.72 53.03 -6.83
C THR C 144 1.71 52.49 -7.85
N SER C 145 2.43 53.39 -8.50
CA SER C 145 3.44 53.03 -9.49
C SER C 145 4.84 53.48 -9.12
N SER C 146 4.99 54.49 -8.26
CA SER C 146 6.30 54.97 -7.84
C SER C 146 6.19 55.49 -6.42
N VAL C 147 7.18 55.18 -5.61
CA VAL C 147 7.20 55.58 -4.20
C VAL C 147 8.60 56.04 -3.82
N PRO C 148 8.89 57.34 -3.81
CA PRO C 148 10.21 57.80 -3.38
C PRO C 148 10.40 57.61 -1.88
N VAL C 149 11.56 57.08 -1.51
CA VAL C 149 11.87 56.78 -0.11
C VAL C 149 13.38 56.85 0.08
N THR C 150 13.79 57.16 1.31
CA THR C 150 15.20 57.26 1.65
C THR C 150 15.55 56.22 2.72
N PRO C 151 16.83 55.95 2.95
CA PRO C 151 17.19 54.95 3.98
C PRO C 151 16.65 55.35 5.34
N GLY C 152 16.12 54.36 6.05
CA GLY C 152 15.58 54.52 7.39
C GLY C 152 14.07 54.42 7.45
N GLU C 153 13.38 54.76 6.37
CA GLU C 153 11.94 54.71 6.32
C GLU C 153 11.45 53.33 5.88
N SER C 154 10.15 53.11 6.01
CA SER C 154 9.51 51.86 5.62
C SER C 154 8.66 52.09 4.38
N VAL C 155 8.24 50.98 3.78
CA VAL C 155 7.42 51.01 2.57
C VAL C 155 6.29 50.01 2.72
N SER C 156 5.14 50.33 2.14
CA SER C 156 3.94 49.48 2.18
C SER C 156 3.26 49.59 0.82
N ILE C 157 3.59 48.65 -0.07
CA ILE C 157 3.02 48.63 -1.41
C ILE C 157 1.62 48.01 -1.33
N SER C 158 0.63 48.73 -1.84
CA SER C 158 -0.75 48.28 -1.84
C SER C 158 -1.09 47.60 -3.16
N CYS C 159 -2.13 46.78 -3.13
CA CYS C 159 -2.57 46.05 -4.31
C CYS C 159 -4.08 45.83 -4.23
N ARG C 160 -4.75 45.95 -5.37
CA ARG C 160 -6.19 45.76 -5.46
C ARG C 160 -6.50 44.75 -6.57
N SER C 161 -7.59 44.02 -6.39
CA SER C 161 -8.03 43.02 -7.35
C SER C 161 -9.53 43.16 -7.57
N SER C 162 -9.98 42.71 -8.73
CA SER C 162 -11.40 42.79 -9.08
C SER C 162 -12.20 41.63 -8.52
N LYS C 163 -11.55 40.53 -8.15
CA LYS C 163 -12.23 39.37 -7.61
C LYS C 163 -11.47 38.86 -6.40
N SER C 164 -12.21 38.43 -5.38
CA SER C 164 -11.57 37.93 -4.16
C SER C 164 -10.79 36.66 -4.45
N LEU C 165 -9.48 36.72 -4.22
CA LEU C 165 -8.63 35.55 -4.45
C LEU C 165 -8.77 34.50 -3.36
N LEU C 166 -9.54 34.76 -2.31
CA LEU C 166 -9.71 33.81 -1.22
C LEU C 166 -10.61 32.67 -1.69
N HIS C 167 -10.00 31.58 -2.12
CA HIS C 167 -10.76 30.42 -2.58
C HIS C 167 -11.47 29.76 -1.40
N SER C 168 -12.41 28.87 -1.72
CA SER C 168 -13.18 28.20 -0.68
C SER C 168 -12.29 27.49 0.33
N ASN C 169 -11.14 26.97 -0.11
CA ASN C 169 -10.24 26.26 0.79
C ASN C 169 -9.50 27.18 1.75
N GLY C 170 -9.54 28.49 1.53
CA GLY C 170 -8.92 29.44 2.43
C GLY C 170 -7.50 29.84 2.06
N ASN C 171 -6.98 29.39 0.93
CA ASN C 171 -5.63 29.75 0.52
C ASN C 171 -5.64 31.10 -0.19
N THR C 172 -4.65 31.93 0.15
CA THR C 172 -4.50 33.26 -0.44
C THR C 172 -3.52 33.14 -1.60
N TYR C 173 -4.05 33.10 -2.82
CA TYR C 173 -3.23 32.96 -4.03
C TYR C 173 -2.71 34.32 -4.44
N LEU C 174 -1.66 34.77 -3.74
CA LEU C 174 -1.03 36.05 -4.01
C LEU C 174 0.48 35.82 -4.14
N TYR C 175 1.07 36.36 -5.20
CA TYR C 175 2.49 36.21 -5.48
C TYR C 175 3.10 37.57 -5.76
N TRP C 176 4.24 37.84 -5.12
CA TRP C 176 4.99 39.07 -5.32
C TRP C 176 6.33 38.74 -5.94
N PHE C 177 6.74 39.53 -6.94
CA PHE C 177 8.01 39.33 -7.62
C PHE C 177 8.76 40.65 -7.65
N LEU C 178 10.02 40.62 -7.22
CA LEU C 178 10.88 41.80 -7.18
C LEU C 178 11.95 41.67 -8.24
N GLN C 179 11.92 42.56 -9.22
CA GLN C 179 12.91 42.60 -10.30
C GLN C 179 13.85 43.78 -10.06
N ARG C 180 15.14 43.48 -9.93
CA ARG C 180 16.16 44.48 -9.69
C ARG C 180 16.84 44.86 -10.99
N PRO C 181 17.55 46.00 -11.01
CA PRO C 181 18.24 46.42 -12.24
C PRO C 181 19.25 45.36 -12.69
N GLY C 182 19.00 44.80 -13.87
CA GLY C 182 19.86 43.79 -14.44
C GLY C 182 19.53 42.36 -14.05
N GLN C 183 18.80 42.16 -12.96
CA GLN C 183 18.43 40.84 -12.49
C GLN C 183 16.98 40.53 -12.84
N SER C 184 16.62 39.25 -12.72
CA SER C 184 15.28 38.79 -13.02
C SER C 184 14.40 38.91 -11.78
N PRO C 185 13.08 38.83 -11.96
CA PRO C 185 12.19 38.93 -10.79
C PRO C 185 12.48 37.84 -9.77
N GLN C 186 12.58 38.24 -8.50
CA GLN C 186 12.83 37.34 -7.39
C GLN C 186 11.56 37.18 -6.57
N LEU C 187 11.26 35.93 -6.19
CA LEU C 187 10.06 35.66 -5.42
C LEU C 187 10.23 36.14 -3.99
N LEU C 188 9.28 36.93 -3.51
CA LEU C 188 9.25 37.40 -2.13
C LEU C 188 8.22 36.66 -1.29
N ILE C 189 6.97 36.62 -1.74
CA ILE C 189 5.89 35.93 -1.04
C ILE C 189 5.11 35.12 -2.07
N TYR C 190 4.73 33.91 -1.70
CA TYR C 190 3.97 33.02 -2.59
C TYR C 190 2.52 32.82 -2.15
N ARG C 191 2.24 32.85 -0.85
CA ARG C 191 0.88 32.71 -0.36
C ARG C 191 0.71 33.45 0.96
N SER C 193 1.38 36.01 2.64
CA SER C 193 1.79 36.04 4.04
C SER C 193 2.96 35.10 4.28
N ASN C 194 2.88 33.91 3.71
CA ASN C 194 3.94 32.92 3.85
C ASN C 194 5.19 33.38 3.11
N LEU C 195 6.21 33.80 3.86
CA LEU C 195 7.43 34.30 3.25
C LEU C 195 8.10 33.20 2.43
N ALA C 196 8.79 33.62 1.37
CA ALA C 196 9.48 32.70 0.48
C ALA C 196 10.88 32.41 1.00
N SER C 197 11.55 31.47 0.35
CA SER C 197 12.91 31.08 0.73
C SER C 197 13.93 32.00 0.07
N GLY C 198 15.06 32.15 0.74
CA GLY C 198 16.15 32.97 0.24
C GLY C 198 15.96 34.47 0.39
N VAL C 199 14.88 34.90 1.02
CA VAL C 199 14.62 36.33 1.21
C VAL C 199 14.59 36.63 2.70
N PRO C 200 15.15 37.75 3.16
CA PRO C 200 15.11 38.06 4.59
C PRO C 200 13.69 38.18 5.10
N ASP C 201 13.58 38.22 6.44
CA ASP C 201 12.28 38.36 7.09
C ASP C 201 11.71 39.77 6.99
N ARG C 202 12.46 40.72 6.43
CA ARG C 202 11.97 42.09 6.33
C ARG C 202 10.67 42.15 5.54
N PHE C 203 10.54 41.33 4.50
CA PHE C 203 9.34 41.33 3.68
C PHE C 203 8.20 40.62 4.40
N SER C 204 7.00 41.20 4.33
CA SER C 204 5.83 40.63 4.95
C SER C 204 4.60 40.99 4.13
N GLY C 205 3.59 40.14 4.19
CA GLY C 205 2.37 40.35 3.44
C GLY C 205 1.15 40.30 4.33
N SER C 206 0.15 41.09 3.97
CA SER C 206 -1.10 41.16 4.72
C SER C 206 -2.21 41.62 3.78
N GLY C 207 -3.42 41.64 4.30
CA GLY C 207 -4.59 42.06 3.55
C GLY C 207 -5.63 40.95 3.47
N SER C 208 -6.73 41.27 2.80
CA SER C 208 -7.84 40.37 2.62
C SER C 208 -7.78 39.75 1.22
N GLY C 209 -8.82 38.98 0.87
CA GLY C 209 -8.86 38.33 -0.43
C GLY C 209 -8.89 39.31 -1.60
N THR C 210 -9.33 40.54 -1.37
CA THR C 210 -9.41 41.56 -2.41
C THR C 210 -8.25 42.54 -2.34
N ALA C 211 -8.02 43.14 -1.17
CA ALA C 211 -6.93 44.10 -0.98
C ALA C 211 -5.73 43.40 -0.36
N PHE C 212 -4.55 43.78 -0.82
CA PHE C 212 -3.30 43.20 -0.33
C PHE C 212 -2.29 44.31 -0.09
N THR C 213 -1.31 44.03 0.77
CA THR C 213 -0.30 45.02 1.11
C THR C 213 1.02 44.30 1.40
N LEU C 214 2.08 44.76 0.74
CA LEU C 214 3.43 44.24 0.95
C LEU C 214 4.19 45.25 1.80
N THR C 215 4.45 44.89 3.06
CA THR C 215 5.07 45.78 4.02
C THR C 215 6.51 45.33 4.29
N ILE C 216 7.44 46.26 4.18
CA ILE C 216 8.85 46.03 4.48
C ILE C 216 9.21 46.86 5.70
N SER C 217 9.68 46.19 6.76
CA SER C 217 10.02 46.90 7.99
C SER C 217 11.18 47.86 7.77
N ARG C 218 12.34 47.35 7.36
CA ARG C 218 13.52 48.16 7.10
C ARG C 218 13.88 48.03 5.64
N LEU C 219 14.13 49.17 4.99
CA LEU C 219 14.45 49.21 3.57
C LEU C 219 15.96 49.32 3.39
N GLU C 220 16.55 48.32 2.75
CA GLU C 220 17.98 48.26 2.49
C GLU C 220 18.27 48.72 1.07
N ALA C 221 19.55 48.75 0.73
CA ALA C 221 19.98 49.18 -0.60
C ALA C 221 19.78 48.12 -1.67
N GLU C 222 19.18 46.98 -1.33
CA GLU C 222 18.93 45.91 -2.30
C GLU C 222 17.47 45.81 -2.71
N ASP C 223 16.60 46.69 -2.21
CA ASP C 223 15.19 46.69 -2.57
C ASP C 223 14.89 47.52 -3.81
N VAL C 224 15.89 48.25 -4.33
CA VAL C 224 15.68 49.07 -5.52
C VAL C 224 15.22 48.16 -6.66
N GLY C 225 14.09 48.49 -7.26
CA GLY C 225 13.55 47.70 -8.35
C GLY C 225 12.05 47.92 -8.48
N VAL C 226 11.41 46.99 -9.18
CA VAL C 226 9.97 47.02 -9.42
C VAL C 226 9.35 45.81 -8.77
N TYR C 227 8.26 46.02 -8.03
CA TYR C 227 7.53 44.95 -7.37
C TYR C 227 6.27 44.65 -8.17
N TYR C 228 6.15 43.40 -8.63
CA TYR C 228 5.03 42.96 -9.45
C TYR C 228 4.12 42.05 -8.65
N CYS C 229 2.81 42.21 -8.84
CA CYS C 229 1.81 41.39 -8.19
C CYS C 229 1.20 40.42 -9.19
N MET C 230 0.78 39.26 -8.68
CA MET C 230 0.22 38.22 -9.54
C MET C 230 -0.75 37.37 -8.72
N GLN C 231 -1.82 36.92 -9.37
CA GLN C 231 -2.79 36.03 -8.77
C GLN C 231 -2.64 34.64 -9.39
N HIS C 232 -3.03 33.62 -8.61
CA HIS C 232 -2.88 32.23 -9.04
C HIS C 232 -4.15 31.43 -8.77
N LEU C 233 -5.27 32.09 -8.48
CA LEU C 233 -6.52 31.36 -8.27
C LEU C 233 -6.88 30.55 -9.51
N GLU C 234 -6.86 31.19 -10.68
CA GLU C 234 -7.10 30.52 -11.95
C GLU C 234 -5.80 30.40 -12.74
N TYR C 235 -5.70 29.35 -13.54
CA TYR C 235 -4.51 29.14 -14.37
C TYR C 235 -4.12 30.36 -15.18
N PRO C 236 -5.02 30.96 -15.98
CA PRO C 236 -4.62 32.17 -16.74
C PRO C 236 -4.19 33.28 -15.79
N LEU C 237 -2.91 33.65 -15.88
CA LEU C 237 -2.33 34.63 -14.99
C LEU C 237 -2.39 36.03 -15.59
N THR C 238 -2.21 37.04 -14.75
CA THR C 238 -2.25 38.43 -15.19
C THR C 238 -1.46 39.26 -14.18
N PHE C 239 -0.33 39.80 -14.61
CA PHE C 239 0.50 40.63 -13.74
C PHE C 239 -0.05 42.06 -13.68
N GLY C 240 0.33 42.77 -12.63
CA GLY C 240 -0.09 44.14 -12.43
C GLY C 240 0.84 45.13 -13.11
N ALA C 241 0.57 46.42 -12.88
CA ALA C 241 1.38 47.48 -13.46
C ALA C 241 2.78 47.48 -12.88
N GLY C 242 2.93 47.10 -11.62
CA GLY C 242 4.24 47.06 -10.99
C GLY C 242 4.57 48.33 -10.24
N THR C 243 4.95 48.20 -8.97
CA THR C 243 5.31 49.33 -8.12
C THR C 243 6.82 49.42 -8.02
N LYS C 244 7.36 50.59 -8.31
CA LYS C 244 8.80 50.82 -8.31
C LYS C 244 9.21 51.57 -7.05
N LEU C 245 10.29 51.10 -6.41
CA LEU C 245 10.86 51.75 -5.24
C LEU C 245 12.26 52.24 -5.58
N GLU C 246 12.54 53.50 -5.25
CA GLU C 246 13.82 54.12 -5.52
C GLU C 246 14.50 54.50 -4.21
N LEU C 247 15.83 54.31 -4.17
CA LEU C 247 16.61 54.63 -2.98
C LEU C 247 18.09 54.59 -3.32
N THR D 6 36.77 -10.49 33.26
CA THR D 6 35.85 -10.38 34.43
C THR D 6 34.70 -9.42 34.11
N ALA D 7 33.83 -9.84 33.20
CA ALA D 7 32.67 -9.03 32.81
C ALA D 7 31.46 -9.29 33.69
N SER D 8 31.35 -10.49 34.28
CA SER D 8 30.20 -10.78 35.13
C SER D 8 30.20 -9.91 36.38
N ILE D 9 31.36 -9.73 37.02
CA ILE D 9 31.43 -8.87 38.20
C ILE D 9 31.08 -7.43 37.81
N ALA D 10 31.54 -6.98 36.65
CA ALA D 10 31.22 -5.63 36.18
C ALA D 10 29.71 -5.47 36.00
N GLN D 11 29.07 -6.44 35.32
CA GLN D 11 27.64 -6.38 35.12
C GLN D 11 26.90 -6.38 36.45
N ALA D 12 27.34 -7.22 37.39
CA ALA D 12 26.67 -7.30 38.69
C ALA D 12 26.78 -5.98 39.45
N ARG D 13 27.98 -5.41 39.53
CA ARG D 13 28.14 -4.15 40.25
C ARG D 13 27.36 -3.03 39.56
N LYS D 14 27.32 -3.04 38.23
CA LYS D 14 26.58 -2.01 37.52
C LYS D 14 25.08 -2.12 37.79
N LEU D 15 24.55 -3.34 37.78
CA LEU D 15 23.14 -3.56 38.10
C LEU D 15 22.84 -3.11 39.53
N VAL D 16 23.73 -3.43 40.46
CA VAL D 16 23.52 -3.04 41.84
C VAL D 16 23.52 -1.52 41.98
N GLU D 17 24.47 -0.84 41.33
CA GLU D 17 24.51 0.61 41.41
C GLU D 17 23.28 1.24 40.75
N GLN D 18 22.80 0.65 39.66
CA GLN D 18 21.59 1.15 39.02
C GLN D 18 20.40 1.02 39.95
N LEU D 19 20.22 -0.15 40.55
CA LEU D 19 19.12 -0.34 41.50
C LEU D 19 19.23 0.61 42.67
N LYS D 20 20.45 0.84 43.16
CA LYS D 20 20.65 1.77 44.26
C LYS D 20 20.20 3.18 43.87
N MET D 21 20.72 3.69 42.76
CA MET D 21 20.38 5.05 42.34
C MET D 21 18.90 5.17 41.98
N GLU D 22 18.27 4.07 41.59
CA GLU D 22 16.85 4.13 41.23
C GLU D 22 15.96 4.10 42.46
N ALA D 23 16.33 3.33 43.48
CA ALA D 23 15.50 3.23 44.68
C ALA D 23 15.34 4.56 45.41
N ASN D 24 16.18 5.54 45.11
CA ASN D 24 16.10 6.85 45.76
C ASN D 24 15.02 7.75 45.17
N ILE D 25 14.38 7.33 44.08
CA ILE D 25 13.34 8.16 43.47
C ILE D 25 12.13 8.21 44.40
N ASP D 26 11.57 9.41 44.56
CA ASP D 26 10.39 9.59 45.40
C ASP D 26 9.14 9.11 44.69
N ARG D 27 8.13 8.75 45.48
CA ARG D 27 6.86 8.25 44.96
C ARG D 27 5.73 8.79 45.81
N ILE D 28 4.58 9.00 45.17
CA ILE D 28 3.40 9.54 45.83
C ILE D 28 2.29 8.51 45.76
N LYS D 29 1.17 8.82 46.42
CA LYS D 29 0.02 7.93 46.43
C LYS D 29 -0.66 7.90 45.07
N VAL D 30 -1.35 6.78 44.79
CA VAL D 30 -2.03 6.64 43.51
C VAL D 30 -3.25 7.56 43.43
N SER D 31 -3.82 7.91 44.58
CA SER D 31 -5.02 8.75 44.56
C SER D 31 -4.74 10.12 43.94
N LYS D 32 -3.61 10.73 44.31
CA LYS D 32 -3.27 12.04 43.77
C LYS D 32 -3.06 11.98 42.26
N ALA D 33 -2.33 10.96 41.80
CA ALA D 33 -2.09 10.82 40.36
C ALA D 33 -3.40 10.59 39.61
N ALA D 34 -4.29 9.76 40.17
CA ALA D 34 -5.57 9.51 39.52
C ALA D 34 -6.41 10.79 39.46
N ALA D 35 -6.43 11.56 40.54
CA ALA D 35 -7.19 12.81 40.54
C ALA D 35 -6.61 13.78 39.52
N ASP D 36 -5.28 13.86 39.43
CA ASP D 36 -4.66 14.76 38.47
C ASP D 36 -5.00 14.33 37.04
N LEU D 37 -4.94 13.03 36.76
CA LEU D 37 -5.28 12.56 35.41
C LEU D 37 -6.74 12.86 35.08
N MET D 38 -7.65 12.63 36.04
CA MET D 38 -9.05 12.92 35.80
C MET D 38 -9.28 14.41 35.55
N ALA D 39 -8.62 15.26 36.33
CA ALA D 39 -8.75 16.70 36.14
C ALA D 39 -8.23 17.12 34.77
N TYR D 40 -7.08 16.57 34.36
CA TYR D 40 -6.53 16.89 33.05
C TYR D 40 -7.47 16.45 31.94
N CYS D 41 -8.05 15.25 32.07
CA CYS D 41 -8.98 14.77 31.07
C CYS D 41 -10.21 15.66 30.99
N GLU D 42 -10.76 16.05 32.14
CA GLU D 42 -11.94 16.92 32.15
C GLU D 42 -11.63 18.33 31.65
N ALA D 43 -10.38 18.77 31.76
CA ALA D 43 -10.03 20.12 31.32
C ALA D 43 -10.04 20.23 29.80
N HIS D 44 -9.34 19.31 29.13
CA HIS D 44 -9.23 19.34 27.68
C HIS D 44 -10.33 18.56 26.98
N ALA D 45 -11.47 18.36 27.63
CA ALA D 45 -12.57 17.63 27.00
C ALA D 45 -13.26 18.48 25.93
N LYS D 46 -13.13 19.80 26.01
CA LYS D 46 -13.80 20.68 25.05
C LYS D 46 -13.03 20.80 23.73
N GLU D 47 -11.75 20.42 23.71
CA GLU D 47 -10.90 20.55 22.54
C GLU D 47 -10.46 19.18 22.04
N ASP D 48 -11.40 18.24 21.98
CA ASP D 48 -11.13 16.88 21.51
C ASP D 48 -12.24 16.48 20.54
N PRO D 49 -12.04 16.67 19.24
CA PRO D 49 -13.08 16.29 18.28
C PRO D 49 -13.48 14.82 18.38
N LEU D 50 -12.55 13.94 18.77
CA LEU D 50 -12.89 12.53 18.90
C LEU D 50 -13.84 12.30 20.06
N LEU D 51 -13.62 12.98 21.19
CA LEU D 51 -14.51 12.84 22.34
C LEU D 51 -15.85 13.50 22.07
N THR D 52 -15.85 14.80 21.80
CA THR D 52 -17.07 15.54 21.53
C THR D 52 -17.25 15.67 20.02
N PRO D 53 -18.24 15.02 19.41
CA PRO D 53 -18.42 15.17 17.96
C PRO D 53 -18.61 16.63 17.56
N VAL D 54 -17.67 17.13 16.77
CA VAL D 54 -17.70 18.51 16.30
C VAL D 54 -18.59 18.57 15.06
N PRO D 55 -19.29 19.69 14.82
CA PRO D 55 -20.16 19.75 13.62
C PRO D 55 -19.43 19.40 12.33
N ALA D 56 -20.19 18.98 11.32
CA ALA D 56 -19.57 18.57 10.06
C ALA D 56 -18.85 19.74 9.39
N SER D 57 -19.43 20.94 9.48
CA SER D 57 -18.82 22.10 8.84
C SER D 57 -17.42 22.40 9.37
N GLU D 58 -17.11 21.98 10.59
CA GLU D 58 -15.82 22.24 11.20
C GLU D 58 -14.81 21.13 10.96
N ASN D 59 -15.21 20.02 10.36
CA ASN D 59 -14.30 18.93 10.09
C ASN D 59 -13.28 19.32 9.02
N SER E 29 -46.97 -18.02 -19.44
CA SER E 29 -45.58 -17.98 -19.96
C SER E 29 -44.73 -16.96 -19.19
N VAL E 30 -45.42 -15.89 -18.77
CA VAL E 30 -44.78 -14.81 -18.03
C VAL E 30 -44.13 -15.37 -16.87
N PHE E 31 -44.86 -16.24 -16.24
CA PHE E 31 -44.29 -16.88 -15.14
C PHE E 31 -42.93 -17.41 -15.50
N PHE E 32 -42.72 -17.92 -16.69
CA PHE E 32 -41.44 -18.53 -17.00
C PHE E 32 -40.35 -17.53 -16.89
N SER E 33 -40.39 -16.50 -17.69
CA SER E 33 -39.38 -15.46 -17.55
C SER E 33 -39.24 -14.89 -16.14
N VAL E 34 -40.30 -14.71 -15.39
CA VAL E 34 -40.13 -14.23 -14.02
C VAL E 34 -39.42 -15.18 -13.08
N ILE E 35 -39.71 -16.46 -13.12
CA ILE E 35 -38.97 -17.40 -12.32
C ILE E 35 -37.55 -17.58 -12.84
N PHE E 36 -37.31 -17.31 -14.10
CA PHE E 36 -35.98 -17.42 -14.61
C PHE E 36 -35.16 -16.18 -14.27
N MET E 37 -35.82 -15.08 -13.95
CA MET E 37 -35.11 -13.85 -13.54
C MET E 37 -34.82 -13.83 -12.09
N THR E 38 -35.83 -13.93 -11.26
CA THR E 38 -35.57 -13.80 -9.83
C THR E 38 -34.50 -14.79 -9.37
N VAL E 39 -34.52 -16.02 -9.91
CA VAL E 39 -33.51 -17.00 -9.53
C VAL E 39 -32.13 -16.52 -9.95
N GLY E 40 -32.01 -16.03 -11.19
CA GLY E 40 -30.73 -15.52 -11.64
C GLY E 40 -30.27 -14.32 -10.84
N ILE E 41 -31.21 -13.44 -10.49
CA ILE E 41 -30.85 -12.25 -9.70
C ILE E 41 -30.28 -12.67 -8.35
N LEU E 42 -30.98 -13.57 -7.67
CA LEU E 42 -30.50 -14.02 -6.36
C LEU E 42 -29.14 -14.74 -6.49
N SER E 43 -29.00 -15.60 -7.49
CA SER E 43 -27.75 -16.32 -7.68
C SER E 43 -26.60 -15.35 -7.91
N ASN E 44 -26.78 -14.38 -8.80
CA ASN E 44 -25.72 -13.44 -9.11
C ASN E 44 -25.44 -12.52 -7.92
N SER E 45 -26.45 -12.18 -7.12
CA SER E 45 -26.21 -11.37 -5.94
C SER E 45 -25.33 -12.13 -4.95
N LEU E 46 -25.69 -13.38 -4.65
CA LEU E 46 -24.86 -14.19 -3.76
C LEU E 46 -23.46 -14.36 -4.30
N ALA E 47 -23.34 -14.58 -5.62
CA ALA E 47 -22.03 -14.76 -6.23
C ALA E 47 -21.18 -13.50 -6.12
N ILE E 48 -21.77 -12.33 -6.36
CA ILE E 48 -21.05 -11.07 -6.24
C ILE E 48 -20.61 -10.86 -4.79
N ALA E 49 -21.50 -11.15 -3.84
CA ALA E 49 -21.13 -11.00 -2.43
C ALA E 49 -19.93 -11.88 -2.09
N ILE E 50 -19.99 -13.16 -2.47
CA ILE E 50 -18.91 -14.08 -2.14
C ILE E 50 -17.62 -13.66 -2.84
N LEU E 51 -17.73 -13.23 -4.10
CA LEU E 51 -16.54 -12.85 -4.85
C LEU E 51 -15.87 -11.62 -4.26
N MET E 52 -16.66 -10.63 -3.83
CA MET E 52 -16.08 -9.47 -3.18
C MET E 52 -15.45 -9.84 -1.85
N LYS E 53 -16.13 -10.67 -1.06
CA LYS E 53 -15.56 -11.10 0.22
C LYS E 53 -14.26 -11.85 0.03
N ALA E 54 -14.16 -12.63 -1.05
CA ALA E 54 -12.93 -13.40 -1.30
C ALA E 54 -11.83 -12.52 -1.88
N TYR E 55 -12.19 -11.54 -2.71
CA TYR E 55 -11.18 -10.65 -3.28
C TYR E 55 -10.61 -9.72 -2.23
N GLN E 56 -11.41 -9.31 -1.24
CA GLN E 56 -10.88 -8.49 -0.16
C GLN E 56 -9.81 -9.22 0.64
N ARG E 57 -9.70 -10.54 0.50
CA ARG E 57 -8.70 -11.34 1.20
C ARG E 57 -7.55 -11.76 0.29
N PHE E 58 -7.87 -12.39 -0.85
CA PHE E 58 -6.83 -12.92 -1.73
C PHE E 58 -6.02 -11.82 -2.39
N ARG E 59 -6.54 -10.60 -2.48
CA ARG E 59 -5.79 -9.52 -3.11
C ARG E 59 -4.44 -9.30 -2.43
N GLN E 60 -4.31 -9.65 -1.15
CA GLN E 60 -3.07 -9.46 -0.42
C GLN E 60 -2.05 -10.55 -0.71
N LYS E 61 -2.46 -11.64 -1.34
CA LYS E 61 -1.59 -12.78 -1.60
C LYS E 61 -1.14 -12.86 -3.06
N SER E 62 -2.08 -12.79 -4.00
CA SER E 62 -1.77 -12.92 -5.41
C SER E 62 -2.56 -11.86 -6.18
N LYS E 63 -2.53 -11.98 -7.51
CA LYS E 63 -3.21 -11.00 -8.36
C LYS E 63 -4.73 -11.04 -8.22
N ALA E 64 -5.29 -12.18 -7.80
CA ALA E 64 -6.74 -12.35 -7.74
C ALA E 64 -7.37 -12.14 -9.12
N SER E 65 -6.63 -12.53 -10.16
CA SER E 65 -7.13 -12.35 -11.53
C SER E 65 -8.37 -13.20 -11.77
N PHE E 66 -8.33 -14.46 -11.34
CA PHE E 66 -9.51 -15.31 -11.47
C PHE E 66 -10.71 -14.70 -10.77
N LEU E 67 -10.51 -14.15 -9.57
CA LEU E 67 -11.61 -13.52 -8.86
C LEU E 67 -12.13 -12.31 -9.60
N LEU E 68 -11.23 -11.52 -10.19
CA LEU E 68 -11.66 -10.34 -10.95
C LEU E 68 -12.50 -10.75 -12.16
N LEU E 69 -12.05 -11.77 -12.90
CA LEU E 69 -12.81 -12.21 -14.06
C LEU E 69 -14.15 -12.79 -13.65
N ALA E 70 -14.19 -13.55 -12.55
CA ALA E 70 -15.45 -14.10 -12.08
C ALA E 70 -16.42 -12.99 -11.68
N SER E 71 -15.92 -11.97 -10.98
CA SER E 71 -16.76 -10.85 -10.60
C SER E 71 -17.30 -10.13 -11.82
N GLY E 72 -16.45 -9.88 -12.81
CA GLY E 72 -16.90 -9.24 -14.03
C GLY E 72 -17.97 -10.05 -14.74
N LEU E 73 -17.75 -11.35 -14.87
CA LEU E 73 -18.72 -12.22 -15.52
C LEU E 73 -20.05 -12.20 -14.79
N VAL E 74 -20.01 -12.33 -13.45
CA VAL E 74 -21.26 -12.36 -12.69
C VAL E 74 -21.97 -11.02 -12.80
N ILE E 75 -21.23 -9.92 -12.80
CA ILE E 75 -21.85 -8.60 -12.88
C ILE E 75 -22.52 -8.40 -14.22
N THR E 76 -21.83 -8.74 -15.32
CA THR E 76 -22.44 -8.58 -16.64
C THR E 76 -23.64 -9.51 -16.80
N ASP E 77 -23.56 -10.72 -16.24
CA ASP E 77 -24.70 -11.63 -16.30
C ASP E 77 -25.88 -11.08 -15.53
N PHE E 78 -25.62 -10.49 -14.36
CA PHE E 78 -26.69 -9.89 -13.56
C PHE E 78 -27.35 -8.76 -14.32
N PHE E 79 -26.59 -7.87 -14.87
CA PHE E 79 -27.25 -6.76 -15.48
C PHE E 79 -28.08 -7.34 -16.61
N GLY E 80 -27.61 -8.37 -17.26
CA GLY E 80 -28.37 -9.02 -18.32
C GLY E 80 -29.75 -9.48 -17.93
N HIS E 81 -29.86 -10.22 -16.86
CA HIS E 81 -31.11 -10.74 -16.43
C HIS E 81 -32.03 -9.71 -15.78
N LEU E 82 -31.60 -8.48 -15.54
CA LEU E 82 -32.52 -7.46 -15.04
C LEU E 82 -32.89 -6.59 -16.18
N ILE E 83 -32.06 -6.51 -17.19
CA ILE E 83 -32.41 -5.77 -18.37
C ILE E 83 -33.30 -6.57 -19.34
N ASN E 84 -33.06 -7.89 -19.51
CA ASN E 84 -33.88 -8.65 -20.39
C ASN E 84 -35.14 -9.16 -19.71
N GLY E 85 -35.11 -9.49 -18.43
CA GLY E 85 -36.31 -9.86 -17.72
C GLY E 85 -37.28 -8.71 -17.57
N ALA E 86 -36.76 -7.51 -17.30
CA ALA E 86 -37.62 -6.33 -17.22
C ALA E 86 -38.31 -6.08 -18.55
N ILE E 87 -37.54 -6.14 -19.65
CA ILE E 87 -38.14 -5.90 -20.96
C ILE E 87 -39.17 -6.97 -21.30
N ALA E 88 -38.88 -8.22 -20.92
CA ALA E 88 -39.82 -9.30 -21.22
C ALA E 88 -41.11 -9.14 -20.42
N VAL E 89 -41.00 -8.78 -19.14
CA VAL E 89 -42.19 -8.56 -18.34
C VAL E 89 -43.00 -7.39 -18.88
N PHE E 90 -42.30 -6.33 -19.34
CA PHE E 90 -43.00 -5.21 -19.94
C PHE E 90 -43.75 -5.62 -21.20
N VAL E 91 -43.22 -6.58 -21.97
CA VAL E 91 -43.85 -7.04 -23.25
C VAL E 91 -44.81 -8.20 -23.13
N TYR E 92 -44.92 -8.78 -21.97
CA TYR E 92 -45.91 -9.79 -21.75
C TYR E 92 -46.99 -9.07 -21.07
N ALA E 93 -46.66 -7.97 -20.43
CA ALA E 93 -47.66 -7.17 -19.74
C ALA E 93 -48.19 -6.11 -20.63
N SER E 94 -48.02 -6.25 -21.90
CA SER E 94 -48.57 -5.32 -22.82
C SER E 94 -49.29 -6.15 -23.85
N ASP E 95 -49.89 -7.23 -23.41
CA ASP E 95 -50.66 -8.13 -24.29
C ASP E 95 -49.93 -8.42 -25.59
N LYS E 96 -48.61 -8.26 -25.62
CA LYS E 96 -47.80 -8.54 -26.81
C LYS E 96 -48.16 -7.63 -27.98
N GLU E 97 -48.64 -6.42 -27.69
CA GLU E 97 -49.05 -5.46 -28.72
C GLU E 97 -47.84 -4.58 -29.04
N TRP E 98 -46.90 -5.15 -29.80
CA TRP E 98 -45.70 -4.40 -30.17
C TRP E 98 -46.05 -3.14 -30.95
N ILE E 99 -47.06 -3.21 -31.83
CA ILE E 99 -47.46 -2.05 -32.61
C ILE E 99 -47.87 -0.89 -31.72
N ARG E 100 -48.28 -1.17 -30.47
CA ARG E 100 -48.69 -0.12 -29.57
C ARG E 100 -47.48 0.60 -28.96
N PHE E 101 -46.63 -0.14 -28.24
CA PHE E 101 -45.49 0.43 -27.55
C PHE E 101 -44.20 0.39 -28.37
N ASP E 102 -44.25 -0.12 -29.60
CA ASP E 102 -43.06 -0.20 -30.45
C ASP E 102 -43.48 0.11 -31.87
N GLN E 103 -43.31 1.37 -32.28
CA GLN E 103 -43.62 1.82 -33.63
C GLN E 103 -42.40 2.31 -34.38
N SER E 104 -41.52 3.06 -33.72
CA SER E 104 -40.30 3.57 -34.34
C SER E 104 -39.17 2.55 -34.35
N ASN E 105 -39.41 1.33 -33.86
CA ASN E 105 -38.39 0.28 -33.85
C ASN E 105 -37.20 0.69 -32.98
N VAL E 106 -37.51 1.18 -31.77
CA VAL E 106 -36.50 1.62 -30.82
C VAL E 106 -36.34 0.64 -29.67
N LEU E 107 -37.44 0.06 -29.20
CA LEU E 107 -37.37 -0.85 -28.07
C LEU E 107 -36.90 -2.24 -28.49
N CYS E 108 -37.38 -2.73 -29.64
CA CYS E 108 -36.96 -4.04 -30.12
C CYS E 108 -35.47 -4.06 -30.45
N SER E 109 -34.93 -2.93 -30.88
CA SER E 109 -33.48 -2.87 -31.08
C SER E 109 -32.70 -2.92 -29.77
N ILE E 110 -33.29 -2.45 -28.69
CA ILE E 110 -32.67 -2.53 -27.39
C ILE E 110 -32.85 -3.92 -26.76
N PHE E 111 -33.88 -4.68 -27.07
CA PHE E 111 -34.01 -6.05 -26.58
C PHE E 111 -33.39 -6.84 -27.67
N GLY E 112 -32.50 -6.24 -28.40
CA GLY E 112 -31.81 -6.91 -29.44
C GLY E 112 -30.38 -6.82 -29.02
N ILE E 113 -29.89 -5.66 -28.64
CA ILE E 113 -28.53 -5.56 -28.13
C ILE E 113 -28.46 -6.26 -26.82
N CYS E 114 -29.33 -5.95 -25.91
CA CYS E 114 -29.31 -6.59 -24.65
C CYS E 114 -29.45 -8.10 -24.68
N MET E 115 -29.78 -8.66 -25.84
CA MET E 115 -29.85 -10.12 -25.97
C MET E 115 -28.52 -10.62 -26.50
N VAL E 116 -28.10 -10.20 -27.71
CA VAL E 116 -26.82 -10.57 -28.23
C VAL E 116 -25.72 -10.38 -27.20
N PHE E 117 -25.57 -9.19 -26.64
CA PHE E 117 -24.56 -8.92 -25.60
C PHE E 117 -24.55 -9.89 -24.49
N SER E 118 -25.58 -9.94 -23.68
CA SER E 118 -25.62 -10.93 -22.65
C SER E 118 -25.08 -12.28 -23.15
N GLY E 119 -25.67 -12.87 -24.15
CA GLY E 119 -25.10 -14.10 -24.63
C GLY E 119 -23.62 -14.11 -24.87
N LEU E 120 -23.14 -13.37 -25.84
CA LEU E 120 -21.74 -13.44 -26.14
C LEU E 120 -20.78 -13.04 -25.02
N CYS E 121 -21.20 -12.27 -24.02
CA CYS E 121 -20.32 -12.03 -22.90
C CYS E 121 -20.30 -13.25 -22.04
N PRO E 122 -21.46 -13.67 -21.50
CA PRO E 122 -21.30 -14.94 -20.80
C PRO E 122 -20.50 -16.09 -21.41
N LEU E 123 -20.29 -16.17 -22.71
CA LEU E 123 -19.46 -17.24 -23.22
C LEU E 123 -18.05 -16.80 -23.38
N LEU E 124 -17.82 -15.61 -23.90
CA LEU E 124 -16.49 -15.14 -24.18
C LEU E 124 -15.72 -14.73 -22.93
N LEU E 125 -16.34 -14.77 -21.77
CA LEU E 125 -15.65 -14.48 -20.53
C LEU E 125 -15.53 -15.80 -19.85
N GLY E 126 -16.06 -16.83 -20.48
CA GLY E 126 -15.94 -18.15 -19.92
C GLY E 126 -14.79 -18.75 -20.60
N SER E 127 -14.49 -18.29 -21.79
CA SER E 127 -13.30 -18.75 -22.42
C SER E 127 -12.03 -18.19 -21.89
N VAL E 128 -11.93 -16.91 -21.69
CA VAL E 128 -10.74 -16.22 -21.18
C VAL E 128 -10.36 -16.75 -19.80
N MET E 129 -11.36 -17.04 -18.97
CA MET E 129 -11.07 -17.59 -17.65
C MET E 129 -10.43 -18.97 -17.75
N ALA E 130 -10.97 -19.82 -18.62
CA ALA E 130 -10.37 -21.14 -18.82
C ALA E 130 -8.95 -21.02 -19.35
N ILE E 131 -8.70 -20.04 -20.23
CA ILE E 131 -7.35 -19.83 -20.72
C ILE E 131 -6.43 -19.39 -19.59
N GLU E 132 -6.95 -18.58 -18.66
CA GLU E 132 -6.14 -18.15 -17.52
C GLU E 132 -5.74 -19.34 -16.67
N ARG E 133 -6.72 -20.08 -16.14
CA ARG E 133 -6.42 -21.22 -15.28
C ARG E 133 -5.57 -22.26 -16.01
N CYS E 134 -5.68 -22.33 -17.34
CA CYS E 134 -4.84 -23.26 -18.09
C CYS E 134 -3.37 -22.89 -17.96
N ILE E 135 -3.05 -21.59 -18.08
CA ILE E 135 -1.67 -21.15 -17.93
C ILE E 135 -1.26 -21.18 -16.46
N GLY E 136 -2.19 -20.84 -15.56
CA GLY E 136 -1.88 -20.83 -14.14
C GLY E 136 -1.51 -22.19 -13.60
N VAL E 137 -2.00 -23.25 -14.24
CA VAL E 137 -1.73 -24.62 -13.81
C VAL E 137 -0.57 -25.22 -14.60
N THR E 138 -0.48 -24.91 -15.89
CA THR E 138 0.60 -25.45 -16.70
C THR E 138 1.88 -24.64 -16.57
N LYS E 139 1.78 -23.34 -16.32
CA LYS E 139 2.93 -22.46 -16.17
C LYS E 139 2.64 -21.46 -15.06
N PRO E 140 2.68 -21.91 -13.80
CA PRO E 140 2.40 -20.97 -12.69
C PRO E 140 3.37 -19.79 -12.65
N ILE E 141 4.66 -20.04 -12.85
CA ILE E 141 5.65 -18.97 -12.80
C ILE E 141 5.35 -17.93 -13.87
N PHE E 142 4.92 -18.38 -15.06
CA PHE E 142 4.64 -17.44 -16.14
C PHE E 142 3.41 -16.60 -15.82
N HIS E 143 2.35 -17.23 -15.31
CA HIS E 143 1.14 -16.48 -14.95
C HIS E 143 1.39 -15.54 -13.78
N SER E 144 2.35 -15.85 -12.92
CA SER E 144 2.59 -15.02 -11.75
C SER E 144 3.51 -13.84 -12.08
N THR E 145 4.63 -14.10 -12.74
CA THR E 145 5.64 -13.07 -12.97
C THR E 145 5.39 -12.27 -14.24
N LYS E 146 4.98 -12.92 -15.32
CA LYS E 146 4.84 -12.24 -16.60
C LYS E 146 3.47 -11.60 -16.80
N ILE E 147 2.40 -12.27 -16.38
CA ILE E 147 1.05 -11.78 -16.57
C ILE E 147 0.71 -10.87 -15.38
N THR E 148 0.50 -9.59 -15.65
CA THR E 148 0.15 -8.62 -14.63
C THR E 148 -1.36 -8.40 -14.61
N SER E 149 -1.86 -7.93 -13.45
CA SER E 149 -3.28 -7.66 -13.32
C SER E 149 -3.75 -6.61 -14.32
N LYS E 150 -2.87 -5.69 -14.71
CA LYS E 150 -3.24 -4.72 -15.73
C LYS E 150 -3.62 -5.40 -17.03
N HIS E 151 -2.86 -6.43 -17.43
CA HIS E 151 -3.18 -7.15 -18.65
C HIS E 151 -4.53 -7.87 -18.52
N VAL E 152 -4.84 -8.37 -17.33
CA VAL E 152 -6.12 -9.05 -17.13
C VAL E 152 -7.27 -8.06 -17.25
N LYS E 153 -7.12 -6.88 -16.64
CA LYS E 153 -8.15 -5.85 -16.76
C LYS E 153 -8.31 -5.40 -18.20
N MET E 154 -7.19 -5.27 -18.92
CA MET E 154 -7.26 -4.88 -20.34
C MET E 154 -7.98 -5.95 -21.15
N MET E 155 -7.71 -7.23 -20.87
CA MET E 155 -8.39 -8.29 -21.60
C MET E 155 -9.88 -8.31 -21.30
N LEU E 156 -10.25 -8.07 -20.03
CA LEU E 156 -11.66 -8.02 -19.68
C LEU E 156 -12.35 -6.87 -20.40
N SER E 157 -11.74 -5.69 -20.39
CA SER E 157 -12.31 -4.55 -21.10
C SER E 157 -12.43 -4.82 -22.60
N GLY E 158 -11.42 -5.47 -23.18
CA GLY E 158 -11.48 -5.78 -24.60
C GLY E 158 -12.57 -6.78 -24.93
N VAL E 159 -12.76 -7.78 -24.06
CA VAL E 159 -13.82 -8.74 -24.28
C VAL E 159 -15.18 -8.05 -24.21
N CYS E 160 -15.36 -7.17 -23.21
CA CYS E 160 -16.61 -6.43 -23.11
C CYS E 160 -16.85 -5.57 -24.34
N LEU E 161 -15.81 -4.89 -24.82
CA LEU E 161 -15.95 -4.04 -26.00
C LEU E 161 -16.29 -4.87 -27.23
N PHE E 162 -15.64 -6.01 -27.40
CA PHE E 162 -15.94 -6.88 -28.54
C PHE E 162 -17.37 -7.40 -28.47
N ALA E 163 -17.83 -7.74 -27.27
CA ALA E 163 -19.21 -8.21 -27.11
C ALA E 163 -20.20 -7.12 -27.49
N VAL E 164 -20.03 -5.91 -26.94
CA VAL E 164 -20.97 -4.84 -27.26
C VAL E 164 -20.87 -4.45 -28.73
N PHE E 165 -19.70 -4.62 -29.34
CA PHE E 165 -19.55 -4.32 -30.76
C PHE E 165 -20.32 -5.33 -31.61
N ILE E 166 -20.11 -6.62 -31.36
CA ILE E 166 -20.86 -7.65 -32.10
C ILE E 166 -22.35 -7.50 -31.85
N ALA E 167 -22.74 -6.97 -30.69
CA ALA E 167 -24.15 -6.72 -30.43
C ALA E 167 -24.66 -5.50 -31.20
N LEU E 168 -23.79 -4.51 -31.42
CA LEU E 168 -24.15 -3.31 -32.16
C LEU E 168 -23.74 -3.36 -33.62
N LEU E 169 -23.09 -4.44 -34.06
CA LEU E 169 -22.69 -4.53 -35.46
C LEU E 169 -23.88 -4.52 -36.41
N PRO E 170 -24.97 -5.25 -36.16
CA PRO E 170 -26.12 -5.17 -37.08
C PRO E 170 -26.67 -3.75 -37.23
N ILE E 171 -26.74 -3.00 -36.13
CA ILE E 171 -27.25 -1.64 -36.20
C ILE E 171 -26.36 -0.77 -37.08
N LEU E 172 -25.06 -1.05 -37.08
CA LEU E 172 -24.10 -0.31 -37.91
C LEU E 172 -23.98 -0.88 -39.32
N GLY E 173 -24.98 -1.65 -39.76
CA GLY E 173 -24.95 -2.23 -41.08
C GLY E 173 -26.27 -2.05 -41.82
N HIS E 174 -26.99 -0.99 -41.48
CA HIS E 174 -28.27 -0.60 -42.08
C HIS E 174 -29.41 -1.55 -41.73
N ARG E 175 -29.19 -2.52 -40.85
CA ARG E 175 -30.22 -3.47 -40.44
C ARG E 175 -30.45 -3.38 -38.94
N ASP E 176 -31.54 -4.01 -38.50
CA ASP E 176 -31.91 -4.04 -37.10
C ASP E 176 -32.44 -5.43 -36.77
N TYR E 177 -32.79 -5.64 -35.50
CA TYR E 177 -33.32 -6.91 -35.03
C TYR E 177 -34.82 -6.94 -35.25
N LYS E 178 -35.32 -8.07 -35.76
CA LYS E 178 -36.74 -8.22 -36.07
C LYS E 178 -37.42 -9.07 -34.99
N ILE E 179 -38.72 -8.81 -34.80
CA ILE E 179 -39.47 -9.55 -33.80
C ILE E 179 -39.57 -11.01 -34.20
N GLN E 180 -39.19 -11.89 -33.27
CA GLN E 180 -39.23 -13.31 -33.54
C GLN E 180 -40.67 -13.81 -33.58
N ALA E 181 -40.83 -15.07 -34.01
CA ALA E 181 -42.16 -15.66 -34.08
C ALA E 181 -42.83 -15.73 -32.71
N SER E 182 -42.04 -15.82 -31.64
CA SER E 182 -42.61 -15.90 -30.30
C SER E 182 -43.26 -14.59 -29.86
N ARG E 183 -42.95 -13.47 -30.53
CA ARG E 183 -43.53 -12.17 -30.18
C ARG E 183 -43.20 -11.75 -28.76
N THR E 184 -42.12 -12.29 -28.17
CA THR E 184 -41.73 -11.98 -26.82
C THR E 184 -40.25 -11.60 -26.69
N TRP E 185 -39.49 -11.68 -27.78
CA TRP E 185 -38.07 -11.35 -27.73
C TRP E 185 -37.57 -11.04 -29.13
N CYS E 186 -36.76 -10.01 -29.24
CA CYS E 186 -36.18 -9.59 -30.51
C CYS E 186 -34.74 -10.09 -30.61
N PHE E 187 -34.37 -10.57 -31.79
CA PHE E 187 -33.04 -11.10 -32.04
C PHE E 187 -32.79 -11.04 -33.55
N TYR E 188 -31.70 -11.68 -33.98
CA TYR E 188 -31.38 -11.71 -35.41
C TYR E 188 -32.56 -12.25 -36.20
N ASN E 189 -32.67 -11.81 -37.46
CA ASN E 189 -33.76 -12.23 -38.33
C ASN E 189 -33.76 -13.74 -38.49
N THR E 190 -34.81 -14.39 -38.01
CA THR E 190 -34.96 -15.85 -38.10
C THR E 190 -35.87 -16.26 -39.26
N GLU E 191 -37.03 -15.64 -39.39
CA GLU E 191 -37.97 -15.97 -40.44
C GLU E 191 -37.79 -15.04 -41.63
N ASP E 192 -38.12 -15.55 -42.81
CA ASP E 192 -38.05 -14.79 -44.06
C ASP E 192 -36.61 -14.33 -44.33
N ILE E 193 -35.71 -15.30 -44.34
CA ILE E 193 -34.29 -15.03 -44.62
C ILE E 193 -34.13 -14.97 -46.13
N LYS E 194 -33.84 -13.77 -46.64
CA LYS E 194 -33.73 -13.54 -48.08
C LYS E 194 -32.31 -13.20 -48.51
N ASP E 195 -31.69 -12.20 -47.89
CA ASP E 195 -30.34 -11.79 -48.26
C ASP E 195 -29.32 -12.53 -47.40
N TRP E 196 -28.04 -12.39 -47.75
CA TRP E 196 -26.96 -13.04 -47.01
C TRP E 196 -26.52 -12.25 -45.80
N GLU E 197 -27.01 -11.02 -45.63
CA GLU E 197 -26.62 -10.22 -44.46
C GLU E 197 -27.13 -10.86 -43.18
N ASP E 198 -28.40 -11.25 -43.15
CA ASP E 198 -28.94 -11.96 -42.00
C ASP E 198 -28.25 -13.30 -41.81
N ARG E 199 -28.08 -14.03 -42.92
CA ARG E 199 -27.31 -15.27 -42.86
C ARG E 199 -25.90 -15.02 -42.35
N PHE E 200 -25.27 -13.95 -42.83
CA PHE E 200 -23.91 -13.64 -42.38
C PHE E 200 -23.88 -13.40 -40.87
N TYR E 201 -24.81 -12.59 -40.36
CA TYR E 201 -24.82 -12.29 -38.93
C TYR E 201 -25.08 -13.55 -38.11
N LEU E 202 -26.05 -14.37 -38.54
CA LEU E 202 -26.34 -15.59 -37.80
C LEU E 202 -25.15 -16.53 -37.78
N LEU E 203 -24.52 -16.74 -38.93
CA LEU E 203 -23.35 -17.62 -39.00
C LEU E 203 -22.19 -17.07 -38.18
N LEU E 204 -21.99 -15.75 -38.19
CA LEU E 204 -20.91 -15.17 -37.38
C LEU E 204 -21.18 -15.37 -35.89
N PHE E 205 -22.41 -15.12 -35.46
CA PHE E 205 -22.75 -15.35 -34.05
C PHE E 205 -22.53 -16.80 -33.66
N SER E 206 -23.02 -17.73 -34.50
CA SER E 206 -22.86 -19.15 -34.18
C SER E 206 -21.39 -19.54 -34.16
N PHE E 207 -20.60 -19.03 -35.09
CA PHE E 207 -19.18 -19.35 -35.12
C PHE E 207 -18.46 -18.82 -33.89
N LEU E 208 -18.75 -17.58 -33.49
CA LEU E 208 -18.14 -17.03 -32.30
C LEU E 208 -18.50 -17.85 -31.07
N GLY E 209 -19.78 -18.19 -30.94
CA GLY E 209 -20.20 -19.00 -29.79
C GLY E 209 -19.52 -20.35 -29.75
N LEU E 210 -19.50 -21.04 -30.89
CA LEU E 210 -18.89 -22.37 -30.94
C LEU E 210 -17.40 -22.29 -30.69
N LEU E 211 -16.73 -21.25 -31.20
CA LEU E 211 -15.29 -21.11 -30.98
C LEU E 211 -15.00 -20.86 -29.51
N ALA E 212 -15.76 -19.96 -28.88
CA ALA E 212 -15.56 -19.71 -27.45
C ALA E 212 -15.79 -20.99 -26.65
N LEU E 213 -16.86 -21.72 -26.96
CA LEU E 213 -17.13 -22.96 -26.22
C LEU E 213 -16.02 -23.97 -26.42
N GLY E 214 -15.54 -24.13 -27.66
CA GLY E 214 -14.49 -25.10 -27.92
C GLY E 214 -13.19 -24.73 -27.23
N VAL E 215 -12.84 -23.44 -27.22
CA VAL E 215 -11.62 -23.00 -26.55
C VAL E 215 -11.74 -23.24 -25.04
N SER E 216 -12.89 -22.91 -24.46
CA SER E 216 -13.08 -23.14 -23.04
C SER E 216 -12.97 -24.63 -22.71
N LEU E 217 -13.62 -25.49 -23.52
CA LEU E 217 -13.57 -26.92 -23.28
C LEU E 217 -12.14 -27.45 -23.41
N LEU E 218 -11.41 -27.00 -24.42
CA LEU E 218 -10.04 -27.46 -24.61
C LEU E 218 -9.16 -27.05 -23.43
N CYS E 219 -9.28 -25.79 -22.99
CA CYS E 219 -8.48 -25.34 -21.86
C CYS E 219 -8.82 -26.11 -20.59
N ASN E 220 -10.12 -26.34 -20.35
CA ASN E 220 -10.52 -27.08 -19.16
C ASN E 220 -10.02 -28.52 -19.21
N ALA E 221 -10.09 -29.15 -20.38
CA ALA E 221 -9.61 -30.52 -20.51
C ALA E 221 -8.10 -30.60 -20.30
N ILE E 222 -7.36 -29.64 -20.87
CA ILE E 222 -5.91 -29.63 -20.67
C ILE E 222 -5.57 -29.45 -19.20
N THR E 223 -6.25 -28.52 -18.53
CA THR E 223 -6.00 -28.30 -17.11
C THR E 223 -6.31 -29.56 -16.30
N GLY E 224 -7.43 -30.20 -16.59
CA GLY E 224 -7.79 -31.41 -15.86
C GLY E 224 -6.80 -32.53 -16.08
N ILE E 225 -6.36 -32.71 -17.33
CA ILE E 225 -5.39 -33.77 -17.62
C ILE E 225 -4.08 -33.49 -16.90
N THR E 226 -3.62 -32.24 -16.94
CA THR E 226 -2.38 -31.89 -16.25
C THR E 226 -2.50 -32.15 -14.76
N LEU E 227 -3.62 -31.74 -14.15
CA LEU E 227 -3.81 -31.96 -12.72
C LEU E 227 -3.82 -33.44 -12.39
N LEU E 228 -4.59 -34.22 -13.15
CA LEU E 228 -4.66 -35.66 -12.89
C LEU E 228 -3.29 -36.31 -13.00
N ARG E 229 -2.54 -35.96 -14.04
CA ARG E 229 -1.21 -36.52 -14.22
C ARG E 229 -0.32 -36.15 -13.04
N VAL E 230 -0.18 -34.85 -12.76
CA VAL E 230 0.76 -34.41 -11.74
C VAL E 230 0.35 -34.90 -10.36
N LYS E 231 -0.91 -35.28 -10.18
CA LYS E 231 -1.36 -35.73 -8.86
C LYS E 231 -1.24 -37.25 -8.72
N PHE E 232 -1.77 -38.02 -9.66
CA PHE E 232 -1.64 -39.47 -9.60
C PHE E 232 -0.21 -39.94 -9.81
N LYS E 233 0.67 -39.08 -10.34
CA LYS E 233 2.09 -39.40 -10.42
C LYS E 233 2.79 -39.12 -9.09
N SER E 234 2.28 -38.18 -8.31
CA SER E 234 2.87 -37.85 -7.02
C SER E 234 2.28 -38.72 -5.92
N GLN E 235 3.15 -39.14 -4.99
CA GLN E 235 2.72 -39.97 -3.87
C GLN E 235 3.36 -39.53 -2.56
N GLN E 236 3.75 -38.26 -2.41
CA GLN E 236 4.41 -37.83 -1.20
C GLN E 236 3.48 -37.91 0.00
N HIS E 237 2.36 -37.19 -0.05
CA HIS E 237 1.39 -37.18 1.04
C HIS E 237 -0.03 -37.08 0.50
N GLY E 240 -1.64 -31.61 -0.60
CA GLY E 240 -1.40 -31.83 -2.01
C GLY E 240 -2.68 -32.10 -2.79
N ARG E 241 -3.30 -33.24 -2.52
CA ARG E 241 -4.52 -33.65 -3.21
C ARG E 241 -5.77 -32.98 -2.63
N SER E 242 -5.61 -32.03 -1.71
CA SER E 242 -6.78 -31.40 -1.10
C SER E 242 -7.53 -30.54 -2.11
N HIS E 243 -6.81 -29.84 -3.00
CA HIS E 243 -7.41 -28.90 -3.92
C HIS E 243 -7.36 -29.37 -5.37
N HIS E 244 -6.84 -30.56 -5.64
CA HIS E 244 -6.79 -31.05 -7.02
C HIS E 244 -8.09 -31.75 -7.40
N LEU E 245 -8.64 -32.58 -6.51
CA LEU E 245 -9.89 -33.28 -6.83
C LEU E 245 -11.02 -32.28 -7.00
N GLU E 246 -11.09 -31.26 -6.15
CA GLU E 246 -12.14 -30.26 -6.28
C GLU E 246 -11.99 -29.50 -7.60
N MET E 247 -10.76 -29.18 -7.98
CA MET E 247 -10.53 -28.49 -9.25
C MET E 247 -10.98 -29.35 -10.43
N VAL E 248 -10.64 -30.64 -10.41
CA VAL E 248 -11.06 -31.53 -11.48
C VAL E 248 -12.57 -31.63 -11.54
N ILE E 249 -13.22 -31.73 -10.38
CA ILE E 249 -14.68 -31.82 -10.35
C ILE E 249 -15.31 -30.56 -10.92
N GLN E 250 -14.78 -29.40 -10.54
CA GLN E 250 -15.32 -28.14 -11.05
C GLN E 250 -15.12 -28.04 -12.56
N LEU E 251 -13.94 -28.41 -13.05
CA LEU E 251 -13.68 -28.36 -14.48
C LEU E 251 -14.64 -29.28 -15.24
N LEU E 252 -14.84 -30.50 -14.73
CA LEU E 252 -15.76 -31.42 -15.39
C LEU E 252 -17.19 -30.89 -15.38
N ALA E 253 -17.63 -30.34 -14.24
CA ALA E 253 -18.97 -29.80 -14.16
C ALA E 253 -19.17 -28.66 -15.15
N ILE E 254 -18.19 -27.77 -15.25
CA ILE E 254 -18.30 -26.66 -16.20
C ILE E 254 -18.33 -27.18 -17.63
N MET E 255 -17.39 -28.05 -17.97
CA MET E 255 -17.33 -28.60 -19.33
C MET E 255 -18.64 -29.28 -19.70
N CYS E 256 -19.30 -29.92 -18.73
CA CYS E 256 -20.55 -30.61 -19.02
C CYS E 256 -21.69 -29.63 -19.18
N VAL E 257 -21.87 -28.73 -18.21
CA VAL E 257 -23.03 -27.85 -18.20
C VAL E 257 -22.98 -26.88 -19.37
N SER E 258 -21.83 -26.21 -19.56
CA SER E 258 -21.72 -25.24 -20.65
C SER E 258 -22.10 -25.88 -21.98
N CYS E 259 -21.49 -27.02 -22.30
CA CYS E 259 -21.82 -27.71 -23.54
C CYS E 259 -23.31 -28.07 -23.59
N ILE E 260 -23.76 -28.89 -22.64
CA ILE E 260 -25.12 -29.42 -22.69
C ILE E 260 -26.15 -28.30 -22.82
N CYS E 261 -25.82 -27.11 -22.33
CA CYS E 261 -26.82 -26.04 -22.32
C CYS E 261 -26.69 -25.08 -23.51
N TRP E 262 -25.48 -24.91 -24.05
CA TRP E 262 -25.29 -23.97 -25.15
C TRP E 262 -25.30 -24.64 -26.52
N SER E 263 -24.67 -25.81 -26.65
CA SER E 263 -24.62 -26.47 -27.95
C SER E 263 -25.96 -26.55 -28.65
N PRO E 264 -27.08 -26.84 -27.98
CA PRO E 264 -28.36 -26.86 -28.70
C PRO E 264 -28.69 -25.54 -29.39
N PHE E 265 -28.60 -24.43 -28.67
CA PHE E 265 -28.96 -23.14 -29.26
C PHE E 265 -28.01 -22.76 -30.39
N LEU E 266 -26.71 -23.01 -30.20
CA LEU E 266 -25.74 -22.67 -31.24
C LEU E 266 -25.97 -23.51 -32.49
N VAL E 267 -26.24 -24.81 -32.33
CA VAL E 267 -26.51 -25.65 -33.48
C VAL E 267 -27.81 -25.23 -34.14
N THR E 268 -28.80 -24.81 -33.37
CA THR E 268 -30.05 -24.32 -33.95
C THR E 268 -29.81 -23.09 -34.82
N MET E 269 -29.05 -22.13 -34.29
CA MET E 269 -28.76 -20.92 -35.06
C MET E 269 -27.94 -21.25 -36.30
N ALA E 270 -26.99 -22.17 -36.18
CA ALA E 270 -26.19 -22.56 -37.34
C ALA E 270 -27.07 -23.20 -38.41
N ASN E 271 -27.98 -24.08 -38.01
CA ASN E 271 -28.88 -24.71 -38.97
C ASN E 271 -29.79 -23.69 -39.63
N ILE E 272 -30.30 -22.74 -38.85
CA ILE E 272 -31.17 -21.71 -39.41
C ILE E 272 -30.40 -20.86 -40.41
N GLY E 273 -29.13 -20.57 -40.12
CA GLY E 273 -28.35 -19.74 -41.01
C GLY E 273 -27.90 -20.44 -42.27
N ILE E 274 -27.59 -21.74 -42.17
CA ILE E 274 -27.08 -22.48 -43.32
C ILE E 274 -28.21 -23.06 -44.16
N ASN E 275 -29.28 -23.54 -43.52
CA ASN E 275 -30.40 -24.14 -44.22
C ASN E 275 -31.48 -23.14 -44.60
N GLY E 276 -31.46 -21.94 -44.03
CA GLY E 276 -32.46 -20.94 -44.37
C GLY E 276 -33.84 -21.33 -43.90
N ASN E 277 -34.85 -20.84 -44.63
CA ASN E 277 -36.23 -21.11 -44.25
C ASN E 277 -36.61 -22.58 -44.47
N HIS E 278 -35.85 -23.30 -45.29
CA HIS E 278 -36.15 -24.69 -45.58
C HIS E 278 -35.98 -25.59 -44.36
N SER E 279 -35.44 -25.08 -43.27
CA SER E 279 -35.25 -25.89 -42.07
C SER E 279 -36.59 -26.42 -41.57
N LEU E 280 -36.54 -27.59 -40.93
CA LEU E 280 -37.73 -28.23 -40.39
C LEU E 280 -38.05 -27.79 -38.97
N GLU E 281 -37.06 -27.33 -38.22
CA GLU E 281 -37.28 -26.93 -36.84
C GLU E 281 -38.33 -25.83 -36.75
N THR E 282 -39.01 -25.77 -35.61
CA THR E 282 -40.05 -24.79 -35.35
C THR E 282 -39.57 -23.81 -34.28
N CYS E 283 -40.37 -22.76 -34.07
CA CYS E 283 -40.01 -21.74 -33.10
C CYS E 283 -40.05 -22.28 -31.67
N GLU E 284 -40.79 -23.36 -31.43
CA GLU E 284 -40.86 -23.93 -30.08
C GLU E 284 -39.49 -24.40 -29.63
N THR E 285 -38.77 -25.12 -30.49
CA THR E 285 -37.43 -25.57 -30.13
C THR E 285 -36.47 -24.40 -29.95
N THR E 286 -36.66 -23.33 -30.72
CA THR E 286 -35.82 -22.15 -30.54
C THR E 286 -36.07 -21.51 -29.17
N LEU E 287 -37.33 -21.41 -28.77
CA LEU E 287 -37.64 -20.86 -27.44
C LEU E 287 -37.10 -21.77 -26.34
N PHE E 288 -37.18 -23.09 -26.54
CA PHE E 288 -36.63 -24.02 -25.57
C PHE E 288 -35.11 -23.85 -25.45
N ALA E 289 -34.42 -23.69 -26.58
CA ALA E 289 -32.98 -23.48 -26.54
C ALA E 289 -32.63 -22.15 -25.88
N LEU E 290 -33.56 -21.19 -26.00
CA LEU E 290 -33.35 -19.95 -25.33
C LEU E 290 -33.45 -20.32 -23.92
N ARG E 291 -34.41 -21.14 -23.55
CA ARG E 291 -34.54 -21.39 -22.14
C ARG E 291 -33.31 -22.08 -21.59
N MET E 292 -32.72 -22.99 -22.36
CA MET E 292 -31.53 -23.65 -21.92
C MET E 292 -30.28 -22.77 -21.82
N ALA E 293 -30.13 -21.84 -22.74
CA ALA E 293 -29.02 -20.94 -22.63
C ALA E 293 -29.16 -19.96 -21.53
N THR E 294 -30.37 -19.74 -21.11
CA THR E 294 -30.57 -18.84 -20.02
C THR E 294 -30.43 -19.67 -18.82
N TRP E 295 -30.03 -20.89 -18.98
CA TRP E 295 -29.82 -21.65 -17.80
C TRP E 295 -28.38 -22.05 -17.78
N ASN E 296 -27.52 -21.26 -18.38
CA ASN E 296 -26.11 -21.50 -18.35
C ASN E 296 -25.71 -20.34 -17.56
N GLN E 297 -26.50 -19.22 -17.45
CA GLN E 297 -26.14 -18.02 -16.77
C GLN E 297 -26.84 -18.03 -15.42
N ILE E 298 -27.62 -19.10 -15.04
CA ILE E 298 -28.09 -19.07 -13.68
C ILE E 298 -27.09 -19.99 -13.08
N LEU E 299 -26.97 -21.15 -13.70
CA LEU E 299 -26.03 -22.12 -13.24
C LEU E 299 -24.55 -21.71 -13.35
N ASP E 300 -24.18 -20.68 -14.10
CA ASP E 300 -22.76 -20.21 -14.11
C ASP E 300 -22.37 -19.54 -12.83
N PRO E 301 -23.22 -18.71 -12.28
CA PRO E 301 -22.83 -18.22 -11.00
C PRO E 301 -22.78 -19.31 -10.00
N TRP E 302 -23.30 -20.49 -10.27
CA TRP E 302 -23.30 -21.58 -9.34
C TRP E 302 -22.07 -22.44 -9.53
N VAL E 303 -21.85 -22.95 -10.72
CA VAL E 303 -20.72 -23.85 -10.88
C VAL E 303 -19.44 -23.17 -10.87
N TYR E 304 -19.46 -21.86 -10.88
CA TYR E 304 -18.16 -21.22 -10.79
C TYR E 304 -17.77 -20.92 -9.34
N ILE E 305 -18.71 -20.41 -8.54
CA ILE E 305 -18.38 -19.91 -7.22
C ILE E 305 -19.21 -20.60 -6.14
N LEU E 306 -20.54 -20.53 -6.26
CA LEU E 306 -21.41 -20.92 -5.16
C LEU E 306 -21.34 -22.39 -4.81
N LEU E 307 -20.82 -23.24 -5.70
CA LEU E 307 -20.77 -24.68 -5.46
C LEU E 307 -19.44 -25.14 -4.90
N ARG E 308 -18.56 -24.22 -4.49
CA ARG E 308 -17.32 -24.61 -3.85
C ARG E 308 -17.57 -25.04 -2.41
N LYS E 309 -16.74 -25.98 -1.94
CA LYS E 309 -16.94 -26.53 -0.60
C LYS E 309 -16.87 -25.43 0.46
N ALA E 310 -15.80 -24.64 0.45
CA ALA E 310 -15.66 -23.58 1.44
C ALA E 310 -16.81 -22.58 1.34
N VAL E 311 -17.11 -22.12 0.13
CA VAL E 311 -18.19 -21.16 -0.06
C VAL E 311 -19.51 -21.77 0.37
N LEU E 312 -19.76 -23.03 0.00
CA LEU E 312 -21.01 -23.69 0.37
C LEU E 312 -21.17 -23.75 1.89
N LYS E 313 -20.13 -24.20 2.59
CA LYS E 313 -20.23 -24.32 4.04
C LYS E 313 -20.40 -22.95 4.70
N ASN E 314 -19.67 -21.94 4.22
CA ASN E 314 -19.79 -20.61 4.81
C ASN E 314 -21.20 -20.05 4.61
N LEU E 315 -21.72 -20.17 3.38
CA LEU E 315 -23.08 -19.68 3.11
C LEU E 315 -24.09 -20.41 3.98
N TYR E 316 -23.99 -21.74 4.06
CA TYR E 316 -24.95 -22.50 4.85
C TYR E 316 -24.88 -22.12 6.32
N LYS E 317 -23.67 -21.98 6.86
CA LYS E 317 -23.51 -21.64 8.27
C LYS E 317 -24.08 -20.24 8.56
N LEU E 318 -23.73 -19.26 7.73
CA LEU E 318 -24.23 -17.91 7.98
C LEU E 318 -25.74 -17.82 7.80
N ALA E 319 -26.30 -18.61 6.87
CA ALA E 319 -27.75 -18.62 6.70
C ALA E 319 -28.45 -19.26 7.89
N SER E 320 -27.91 -20.36 8.40
CA SER E 320 -28.50 -21.00 9.58
C SER E 320 -28.38 -20.11 10.80
N GLN E 321 -27.28 -19.36 10.93
CA GLN E 321 -27.07 -18.53 12.11
C GLN E 321 -27.93 -17.28 12.06
N CYS E 322 -27.92 -16.56 10.94
CA CYS E 322 -28.69 -15.33 10.84
C CYS E 322 -30.17 -15.60 11.01
N CYS E 323 -30.72 -16.52 10.22
CA CYS E 323 -32.13 -16.84 10.29
C CYS E 323 -32.37 -18.04 11.21
#